data_3H4M
#
_entry.id   3H4M
#
_cell.length_a   116.425
_cell.length_b   116.425
_cell.length_c   164.169
_cell.angle_alpha   90.00
_cell.angle_beta   90.00
_cell.angle_gamma   120.00
#
_symmetry.space_group_name_H-M   'P 65'
#
loop_
_entity.id
_entity.type
_entity.pdbx_description
1 polymer 'Proteasome-activating nucleotidase'
2 non-polymer "ADENOSINE-5'-DIPHOSPHATE"
#
_entity_poly.entity_id   1
_entity_poly.type   'polypeptide(L)'
_entity_poly.pdbx_seq_one_letter_code
;MRAKAMEVDERPNVRYEDIGGLEKQMQEIREVVELPLKHPELFEKVGIEPPKGILLYGPPGTGKTLLAKAVATETNATFI
RVVGSELVKKFIGEGASLVKDIFKLAKEKAPSIIFIDEIDAIAAKRTDALTGGDREVQRTLMQLLAEMDGFDARGDVKII
GATNRPDILDPAILRPGRFDRIIEVPAPDEKGRLEILKIHTRKMNLAEDVNLEEIAKMTEGCVGAELKAICTEAGMNAIR
ELRDYVTMDDFRKAVEKIMEKKKVKVKEPAHLDVLYRLEHHHHHH
;
_entity_poly.pdbx_strand_id   A,B,C
#
loop_
_chem_comp.id
_chem_comp.type
_chem_comp.name
_chem_comp.formula
ADP non-polymer ADENOSINE-5'-DIPHOSPHATE 'C10 H15 N5 O10 P2'
#
# COMPACT_ATOMS: atom_id res chain seq x y z
N ALA A 5 4.14 14.74 -25.11
CA ALA A 5 2.84 14.99 -25.81
C ALA A 5 1.93 13.76 -25.88
N MET A 6 0.67 14.03 -26.18
CA MET A 6 -0.34 13.02 -26.31
C MET A 6 -1.11 13.37 -27.54
N GLU A 7 -1.51 12.33 -28.25
CA GLU A 7 -2.37 12.48 -29.39
C GLU A 7 -3.76 12.05 -28.97
N VAL A 8 -4.73 12.92 -29.22
CA VAL A 8 -6.11 12.69 -28.82
C VAL A 8 -6.98 12.36 -30.02
N ASP A 9 -7.84 11.36 -29.88
CA ASP A 9 -8.80 11.03 -30.91
C ASP A 9 -10.16 10.77 -30.27
N GLU A 10 -11.01 11.79 -30.20
CA GLU A 10 -12.34 11.59 -29.65
C GLU A 10 -13.03 10.77 -30.71
N ARG A 11 -13.69 9.69 -30.30
CA ARG A 11 -14.24 8.68 -31.27
C ARG A 11 -13.23 8.20 -32.33
N PRO A 12 -12.40 7.22 -31.94
CA PRO A 12 -11.55 6.49 -32.87
C PRO A 12 -12.42 5.58 -33.72
N ASN A 13 -11.88 5.05 -34.81
CA ASN A 13 -12.72 4.16 -35.56
C ASN A 13 -12.13 2.79 -35.80
N VAL A 14 -11.99 2.04 -34.73
CA VAL A 14 -11.39 0.71 -34.83
C VAL A 14 -12.33 -0.37 -34.27
N ARG A 15 -12.74 -1.28 -35.15
CA ARG A 15 -13.61 -2.37 -34.67
C ARG A 15 -12.95 -3.74 -34.65
N TYR A 16 -13.39 -4.56 -33.72
CA TYR A 16 -12.71 -5.80 -33.40
C TYR A 16 -12.63 -6.74 -34.58
N GLU A 17 -13.59 -6.63 -35.50
CA GLU A 17 -13.62 -7.46 -36.71
C GLU A 17 -12.38 -7.20 -37.55
N ASP A 18 -11.60 -6.23 -37.12
CA ASP A 18 -10.46 -5.77 -37.92
C ASP A 18 -9.16 -6.05 -37.21
N ILE A 19 -9.25 -6.71 -36.08
CA ILE A 19 -8.05 -7.12 -35.40
C ILE A 19 -7.92 -8.63 -35.49
N GLY A 20 -7.03 -9.09 -36.33
CA GLY A 20 -6.93 -10.51 -36.57
C GLY A 20 -6.08 -11.26 -35.57
N GLY A 21 -6.37 -12.55 -35.44
CA GLY A 21 -5.46 -13.47 -34.80
C GLY A 21 -5.02 -13.12 -33.41
N LEU A 22 -5.98 -12.68 -32.59
CA LEU A 22 -5.76 -12.45 -31.14
C LEU A 22 -7.03 -12.75 -30.37
N GLU A 23 -7.62 -13.91 -30.66
CA GLU A 23 -8.97 -14.24 -30.23
C GLU A 23 -9.07 -14.17 -28.72
N LYS A 24 -8.07 -14.69 -28.05
CA LYS A 24 -8.16 -14.77 -26.61
C LYS A 24 -7.77 -13.46 -25.91
N GLN A 25 -6.68 -12.82 -26.34
CA GLN A 25 -6.29 -11.58 -25.68
C GLN A 25 -7.30 -10.48 -25.97
N MET A 26 -7.98 -10.62 -27.11
CA MET A 26 -9.04 -9.71 -27.49
C MET A 26 -10.22 -9.89 -26.53
N GLN A 27 -10.54 -11.14 -26.22
CA GLN A 27 -11.64 -11.39 -25.32
C GLN A 27 -11.28 -10.94 -23.90
N GLU A 28 -10.03 -11.14 -23.50
CA GLU A 28 -9.65 -10.81 -22.14
C GLU A 28 -9.83 -9.31 -21.92
N ILE A 29 -9.35 -8.50 -22.84
CA ILE A 29 -9.52 -7.05 -22.73
C ILE A 29 -10.98 -6.65 -22.73
N ARG A 30 -11.70 -7.21 -23.68
CA ARG A 30 -13.11 -6.95 -23.77
C ARG A 30 -13.76 -7.02 -22.39
N GLU A 31 -13.45 -8.07 -21.64
CA GLU A 31 -14.18 -8.33 -20.42
C GLU A 31 -13.53 -7.68 -19.21
N VAL A 32 -12.30 -7.22 -19.39
CA VAL A 32 -11.55 -6.72 -18.27
C VAL A 32 -11.47 -5.20 -18.30
N VAL A 33 -11.80 -4.59 -19.44
CA VAL A 33 -11.90 -3.12 -19.49
C VAL A 33 -13.18 -2.58 -20.13
N GLU A 34 -13.60 -3.17 -21.26
CA GLU A 34 -14.85 -2.78 -21.91
C GLU A 34 -16.03 -3.02 -20.99
N LEU A 35 -16.19 -4.26 -20.55
CA LEU A 35 -17.31 -4.59 -19.69
C LEU A 35 -17.42 -3.74 -18.41
N PRO A 36 -16.29 -3.47 -17.73
CA PRO A 36 -16.35 -2.59 -16.56
C PRO A 36 -16.74 -1.18 -16.95
N LEU A 37 -16.28 -0.72 -18.10
CA LEU A 37 -16.60 0.61 -18.52
C LEU A 37 -18.10 0.72 -18.74
N LYS A 38 -18.65 -0.23 -19.51
CA LYS A 38 -20.08 -0.28 -19.79
C LYS A 38 -20.95 -0.46 -18.57
N HIS A 39 -20.56 -1.35 -17.67
CA HIS A 39 -21.40 -1.69 -16.52
C HIS A 39 -20.69 -1.60 -15.18
N PRO A 40 -20.39 -0.37 -14.73
CA PRO A 40 -19.75 -0.21 -13.45
C PRO A 40 -20.68 -0.65 -12.32
N GLU A 41 -21.95 -0.22 -12.41
CA GLU A 41 -22.95 -0.57 -11.41
C GLU A 41 -23.13 -2.07 -11.28
N LEU A 42 -22.88 -2.80 -12.37
CA LEU A 42 -22.96 -4.26 -12.35
C LEU A 42 -21.75 -4.88 -11.65
N PHE A 43 -20.54 -4.48 -12.05
CA PHE A 43 -19.32 -4.88 -11.35
C PHE A 43 -19.41 -4.63 -9.87
N GLU A 44 -19.95 -3.46 -9.52
CA GLU A 44 -20.21 -3.08 -8.12
C GLU A 44 -21.10 -4.11 -7.41
N LYS A 45 -22.36 -4.22 -7.82
CA LYS A 45 -23.29 -5.12 -7.12
C LYS A 45 -22.91 -6.60 -7.20
N VAL A 46 -22.27 -7.03 -8.29
CA VAL A 46 -21.84 -8.42 -8.39
C VAL A 46 -20.76 -8.73 -7.38
N GLY A 47 -19.73 -7.88 -7.33
CA GLY A 47 -18.71 -8.05 -6.31
C GLY A 47 -17.27 -7.86 -6.74
N ILE A 48 -16.92 -8.32 -7.92
CA ILE A 48 -15.52 -8.26 -8.31
C ILE A 48 -15.04 -6.81 -8.60
N GLU A 49 -13.79 -6.53 -8.28
CA GLU A 49 -13.16 -5.22 -8.51
C GLU A 49 -12.41 -5.21 -9.82
N PRO A 50 -12.81 -4.36 -10.75
CA PRO A 50 -12.15 -4.31 -12.05
C PRO A 50 -10.76 -3.69 -11.93
N PRO A 51 -9.85 -4.04 -12.85
CA PRO A 51 -8.53 -3.40 -12.89
C PRO A 51 -8.62 -1.89 -13.14
N LYS A 52 -7.73 -1.11 -12.54
CA LYS A 52 -7.66 0.33 -12.85
C LYS A 52 -6.82 0.47 -14.08
N GLY A 53 -5.78 -0.34 -14.13
CA GLY A 53 -4.85 -0.35 -15.25
C GLY A 53 -4.46 -1.73 -15.73
N ILE A 54 -4.25 -1.86 -17.03
CA ILE A 54 -3.83 -3.13 -17.61
C ILE A 54 -2.64 -2.89 -18.51
N LEU A 55 -1.76 -3.88 -18.57
CA LEU A 55 -0.49 -3.70 -19.20
C LEU A 55 -0.35 -4.72 -20.30
N LEU A 56 0.10 -4.29 -21.47
CA LEU A 56 0.19 -5.13 -22.66
C LEU A 56 1.63 -5.33 -23.09
N TYR A 57 2.10 -6.57 -23.22
CA TYR A 57 3.49 -6.70 -23.68
C TYR A 57 3.68 -7.28 -25.07
N GLY A 58 4.93 -7.46 -25.48
CA GLY A 58 5.23 -8.05 -26.79
C GLY A 58 5.70 -7.06 -27.84
N PRO A 59 6.21 -7.58 -28.96
CA PRO A 59 6.88 -6.87 -30.06
C PRO A 59 6.11 -5.66 -30.57
N PRO A 60 6.81 -4.75 -31.29
CA PRO A 60 6.09 -3.62 -31.86
C PRO A 60 5.35 -4.01 -33.14
N GLY A 61 4.20 -3.38 -33.32
CA GLY A 61 3.36 -3.61 -34.48
C GLY A 61 2.60 -4.92 -34.38
N THR A 62 2.04 -5.19 -33.21
CA THR A 62 1.35 -6.45 -32.96
C THR A 62 -0.14 -6.25 -32.74
N GLY A 63 -0.53 -5.00 -32.51
CA GLY A 63 -1.94 -4.66 -32.39
C GLY A 63 -2.35 -4.16 -31.03
N LYS A 64 -1.37 -3.77 -30.23
CA LYS A 64 -1.61 -3.28 -28.87
C LYS A 64 -2.38 -1.96 -28.92
N THR A 65 -1.85 -0.99 -29.64
CA THR A 65 -2.57 0.26 -29.85
C THR A 65 -3.95 -0.06 -30.40
N LEU A 66 -3.96 -0.90 -31.43
CA LEU A 66 -5.20 -1.35 -32.07
C LEU A 66 -6.31 -1.76 -31.09
N LEU A 67 -6.01 -2.74 -30.26
CA LEU A 67 -6.97 -3.17 -29.24
C LEU A 67 -7.54 -2.01 -28.45
N ALA A 68 -6.65 -1.14 -27.97
CA ALA A 68 -7.05 -0.02 -27.14
C ALA A 68 -8.04 0.87 -27.87
N LYS A 69 -7.67 1.29 -29.08
CA LYS A 69 -8.61 1.98 -29.96
C LYS A 69 -9.94 1.21 -30.11
N ALA A 70 -9.82 -0.09 -30.35
CA ALA A 70 -10.96 -0.94 -30.52
C ALA A 70 -11.89 -0.84 -29.29
N VAL A 71 -11.32 -0.91 -28.10
CA VAL A 71 -12.10 -0.75 -26.88
C VAL A 71 -12.68 0.66 -26.80
N ALA A 72 -11.89 1.65 -27.20
CA ALA A 72 -12.32 3.04 -27.15
C ALA A 72 -13.52 3.28 -28.06
N THR A 73 -13.56 2.54 -29.18
CA THR A 73 -14.62 2.70 -30.18
C THR A 73 -15.89 2.02 -29.73
N GLU A 74 -15.74 0.85 -29.12
CA GLU A 74 -16.89 0.06 -28.70
C GLU A 74 -17.57 0.73 -27.49
N THR A 75 -16.90 1.73 -26.93
CA THR A 75 -17.36 2.37 -25.71
C THR A 75 -17.56 3.88 -25.86
N ASN A 76 -17.30 4.37 -27.07
CA ASN A 76 -17.36 5.81 -27.41
C ASN A 76 -16.58 6.66 -26.45
N ALA A 77 -15.49 6.10 -25.95
CA ALA A 77 -14.62 6.85 -25.07
C ALA A 77 -13.63 7.63 -25.91
N THR A 78 -13.12 8.73 -25.38
CA THR A 78 -12.06 9.50 -26.00
C THR A 78 -10.79 8.68 -26.01
N PHE A 79 -10.19 8.47 -27.17
CA PHE A 79 -8.94 7.74 -27.21
C PHE A 79 -7.75 8.68 -26.97
N ILE A 80 -6.86 8.26 -26.07
CA ILE A 80 -5.72 9.11 -25.71
C ILE A 80 -4.42 8.32 -25.76
N ARG A 81 -3.63 8.64 -26.77
CA ARG A 81 -2.37 7.97 -26.92
C ARG A 81 -1.27 8.85 -26.34
N VAL A 82 -0.48 8.26 -25.46
CA VAL A 82 0.61 8.93 -24.78
C VAL A 82 1.89 8.31 -25.31
N VAL A 83 2.81 9.13 -25.80
CA VAL A 83 4.11 8.62 -26.28
C VAL A 83 5.15 8.56 -25.16
N GLY A 84 5.37 7.36 -24.62
CA GLY A 84 6.23 7.15 -23.45
C GLY A 84 7.47 8.03 -23.46
N SER A 85 8.32 7.83 -24.47
CA SER A 85 9.58 8.58 -24.58
C SER A 85 9.41 10.08 -24.52
N GLU A 86 8.31 10.59 -25.04
CA GLU A 86 8.04 12.03 -25.05
C GLU A 86 7.77 12.58 -23.65
N LEU A 87 7.74 11.71 -22.65
CA LEU A 87 7.56 12.14 -21.28
C LEU A 87 8.90 12.21 -20.54
N VAL A 88 9.97 11.88 -21.23
CA VAL A 88 11.31 11.96 -20.65
C VAL A 88 11.96 13.33 -20.89
N LYS A 89 11.34 14.37 -20.34
CA LYS A 89 11.96 15.69 -20.29
C LYS A 89 13.07 15.73 -19.24
N LYS A 90 14.10 16.54 -19.52
CA LYS A 90 15.26 16.69 -18.62
C LYS A 90 15.24 18.04 -17.91
N PHE A 91 14.13 18.30 -17.24
CA PHE A 91 13.91 19.52 -16.52
C PHE A 91 13.05 19.28 -15.31
N ILE A 92 13.16 20.15 -14.32
CA ILE A 92 12.53 19.95 -13.01
C ILE A 92 11.02 19.97 -13.08
N GLY A 93 10.42 18.81 -12.85
CA GLY A 93 8.98 18.71 -12.77
C GLY A 93 8.27 18.60 -14.09
N GLU A 94 9.04 18.76 -15.17
CA GLU A 94 8.49 18.82 -16.54
C GLU A 94 7.78 17.57 -17.00
N GLY A 95 8.33 16.41 -16.66
CA GLY A 95 7.68 15.14 -16.98
C GLY A 95 6.36 15.00 -16.26
N ALA A 96 6.42 15.10 -14.94
CA ALA A 96 5.24 15.00 -14.10
C ALA A 96 4.13 15.92 -14.56
N SER A 97 4.52 17.09 -15.04
CA SER A 97 3.58 18.14 -15.43
C SER A 97 2.68 17.66 -16.54
N LEU A 98 3.27 16.98 -17.51
CA LEU A 98 2.53 16.46 -18.65
C LEU A 98 1.55 15.38 -18.23
N VAL A 99 1.98 14.50 -17.31
CA VAL A 99 1.08 13.48 -16.79
C VAL A 99 -0.14 14.15 -16.19
N LYS A 100 0.05 15.26 -15.49
CA LYS A 100 -1.07 15.92 -14.85
C LYS A 100 -2.07 16.35 -15.93
N ASP A 101 -1.61 17.19 -16.86
CA ASP A 101 -2.47 17.68 -17.95
C ASP A 101 -3.18 16.55 -18.73
N ILE A 102 -2.57 15.37 -18.74
CA ILE A 102 -3.10 14.26 -19.49
C ILE A 102 -4.29 13.68 -18.77
N PHE A 103 -4.19 13.58 -17.45
CA PHE A 103 -5.32 13.07 -16.68
C PHE A 103 -6.38 14.13 -16.56
N LYS A 104 -5.94 15.38 -16.50
CA LYS A 104 -6.85 16.51 -16.53
C LYS A 104 -7.75 16.32 -17.74
N LEU A 105 -7.13 16.14 -18.90
CA LEU A 105 -7.86 15.98 -20.15
C LEU A 105 -8.62 14.67 -20.26
N ALA A 106 -8.14 13.61 -19.64
CA ALA A 106 -8.88 12.36 -19.70
C ALA A 106 -10.19 12.47 -18.96
N LYS A 107 -10.18 13.09 -17.78
CA LYS A 107 -11.40 13.28 -17.02
C LYS A 107 -12.33 14.26 -17.70
N GLU A 108 -11.78 15.30 -18.29
CA GLU A 108 -12.59 16.34 -18.94
C GLU A 108 -13.38 15.82 -20.12
N LYS A 109 -12.81 14.86 -20.83
CA LYS A 109 -13.43 14.29 -21.99
C LYS A 109 -13.74 12.84 -21.74
N ALA A 110 -14.05 12.51 -20.49
CA ALA A 110 -14.43 11.16 -20.11
C ALA A 110 -15.80 10.87 -20.69
N PRO A 111 -16.06 9.60 -21.06
CA PRO A 111 -15.20 8.46 -20.80
C PRO A 111 -13.97 8.48 -21.71
N SER A 112 -12.89 7.82 -21.30
CA SER A 112 -11.64 7.84 -22.07
C SER A 112 -10.65 6.72 -21.71
N ILE A 113 -9.94 6.23 -22.73
CA ILE A 113 -8.90 5.23 -22.52
C ILE A 113 -7.55 5.91 -22.70
N ILE A 114 -6.71 5.87 -21.68
CA ILE A 114 -5.37 6.40 -21.82
C ILE A 114 -4.44 5.24 -22.17
N PHE A 115 -3.95 5.22 -23.39
CA PHE A 115 -3.04 4.17 -23.80
C PHE A 115 -1.64 4.75 -23.78
N ILE A 116 -0.78 4.23 -22.91
CA ILE A 116 0.57 4.75 -22.84
C ILE A 116 1.57 3.86 -23.52
N ASP A 117 2.07 4.33 -24.68
CA ASP A 117 2.97 3.50 -25.50
C ASP A 117 4.34 3.57 -24.91
N GLU A 118 4.93 2.41 -24.65
CA GLU A 118 6.31 2.34 -24.23
C GLU A 118 6.50 2.97 -22.84
N ILE A 119 5.80 2.47 -21.83
CA ILE A 119 5.96 3.09 -20.51
C ILE A 119 7.27 2.74 -19.85
N ASP A 120 7.97 1.76 -20.41
CA ASP A 120 9.27 1.40 -19.85
C ASP A 120 10.23 2.58 -19.96
N ALA A 121 9.87 3.57 -20.75
CA ALA A 121 10.59 4.84 -20.78
C ALA A 121 10.64 5.52 -19.40
N ILE A 122 9.50 5.45 -18.71
CA ILE A 122 9.23 6.05 -17.41
C ILE A 122 9.40 5.04 -16.29
N ALA A 123 8.97 3.80 -16.56
CA ALA A 123 8.79 2.79 -15.52
C ALA A 123 9.85 1.70 -15.55
N ALA A 124 11.00 1.99 -16.17
CA ALA A 124 12.14 1.08 -16.12
C ALA A 124 12.86 1.21 -14.79
N LYS A 125 13.25 0.06 -14.23
CA LYS A 125 13.73 0.03 -12.87
C LYS A 125 15.16 0.53 -12.62
N ARG A 126 15.78 1.16 -13.63
CA ARG A 126 17.12 1.77 -13.47
C ARG A 126 18.24 0.73 -13.25
N THR A 127 18.92 0.85 -12.10
CA THR A 127 20.00 -0.06 -11.70
C THR A 127 20.26 0.05 -10.19
N ASP A 128 20.13 1.27 -9.64
CA ASP A 128 20.24 1.47 -8.19
C ASP A 128 20.17 2.93 -7.76
N ALA A 129 20.63 3.17 -6.53
CA ALA A 129 20.79 4.50 -5.96
C ALA A 129 22.11 5.22 -6.34
N LEU A 130 22.42 5.23 -7.64
CA LEU A 130 23.31 6.23 -8.25
C LEU A 130 22.44 6.91 -9.31
N THR A 131 21.23 7.28 -8.90
CA THR A 131 20.14 7.72 -9.78
C THR A 131 20.51 8.91 -10.71
N GLY A 132 21.05 9.97 -10.13
CA GLY A 132 21.40 11.20 -10.86
C GLY A 132 20.47 11.49 -12.02
N GLY A 133 20.95 11.13 -13.22
CA GLY A 133 20.21 11.34 -14.45
C GLY A 133 18.73 11.00 -14.32
N ASP A 134 18.44 9.73 -14.05
CA ASP A 134 17.06 9.29 -14.03
C ASP A 134 16.56 9.27 -12.59
N ARG A 135 16.59 10.46 -12.00
CA ARG A 135 15.98 10.79 -10.73
C ARG A 135 14.74 11.60 -11.08
N GLU A 136 14.85 12.38 -12.15
CA GLU A 136 13.77 13.16 -12.71
C GLU A 136 12.69 12.27 -13.31
N VAL A 137 13.10 11.20 -13.98
CA VAL A 137 12.15 10.29 -14.59
C VAL A 137 11.41 9.54 -13.48
N GLN A 138 12.01 9.51 -12.32
CA GLN A 138 11.34 8.95 -11.18
C GLN A 138 10.25 9.89 -10.67
N ARG A 139 10.52 11.19 -10.72
CA ARG A 139 9.53 12.18 -10.31
C ARG A 139 8.26 12.06 -11.13
N THR A 140 8.42 11.72 -12.39
CA THR A 140 7.31 11.55 -13.29
C THR A 140 6.60 10.26 -12.99
N LEU A 141 7.36 9.18 -12.85
CA LEU A 141 6.75 7.89 -12.62
C LEU A 141 5.83 7.97 -11.43
N MET A 142 6.29 8.63 -10.38
CA MET A 142 5.52 8.82 -9.17
C MET A 142 4.28 9.65 -9.42
N GLN A 143 4.35 10.56 -10.37
CA GLN A 143 3.20 11.39 -10.64
C GLN A 143 2.06 10.55 -11.17
N LEU A 144 2.41 9.64 -12.09
CA LEU A 144 1.43 8.74 -12.70
C LEU A 144 0.73 7.89 -11.65
N LEU A 145 1.53 7.23 -10.82
CA LEU A 145 1.00 6.39 -9.78
C LEU A 145 0.06 7.16 -8.87
N ALA A 146 0.37 8.43 -8.66
CA ALA A 146 -0.49 9.28 -7.86
C ALA A 146 -1.85 9.42 -8.53
N GLU A 147 -1.85 9.77 -9.79
CA GLU A 147 -3.10 9.93 -10.53
C GLU A 147 -3.93 8.65 -10.48
N MET A 148 -3.23 7.52 -10.46
CA MET A 148 -3.84 6.22 -10.48
C MET A 148 -4.50 5.86 -9.16
N ASP A 149 -3.68 5.62 -8.13
CA ASP A 149 -4.16 5.41 -6.77
C ASP A 149 -5.19 6.48 -6.45
N GLY A 150 -5.06 7.60 -7.16
CA GLY A 150 -5.89 8.77 -6.97
C GLY A 150 -7.28 8.61 -7.52
N PHE A 151 -7.65 9.50 -8.42
CA PHE A 151 -9.03 9.62 -8.87
C PHE A 151 -9.78 8.27 -8.93
N ASP A 152 -9.07 7.20 -9.25
CA ASP A 152 -9.71 6.00 -9.79
C ASP A 152 -10.68 5.30 -8.85
N ALA A 153 -11.91 5.19 -9.31
CA ALA A 153 -12.88 4.33 -8.68
C ALA A 153 -13.01 3.17 -9.66
N ARG A 154 -14.26 2.86 -10.05
CA ARG A 154 -14.55 1.78 -10.97
C ARG A 154 -14.03 2.15 -12.32
N GLY A 155 -14.95 2.57 -13.17
CA GLY A 155 -14.60 2.82 -14.54
C GLY A 155 -15.33 4.01 -15.11
N ASP A 156 -14.62 5.11 -15.23
CA ASP A 156 -15.04 6.18 -16.12
C ASP A 156 -13.88 6.45 -17.06
N VAL A 157 -12.69 6.16 -16.56
CA VAL A 157 -11.45 6.38 -17.29
C VAL A 157 -10.53 5.19 -17.06
N LYS A 158 -10.11 4.53 -18.13
CA LYS A 158 -9.27 3.36 -17.97
C LYS A 158 -7.88 3.60 -18.52
N ILE A 159 -6.91 2.89 -17.99
CA ILE A 159 -5.52 3.07 -18.43
C ILE A 159 -4.99 1.78 -18.97
N ILE A 160 -4.37 1.86 -20.14
CA ILE A 160 -3.68 0.73 -20.71
C ILE A 160 -2.20 1.05 -20.96
N GLY A 161 -1.32 0.21 -20.46
CA GLY A 161 0.10 0.41 -20.72
C GLY A 161 0.62 -0.57 -21.74
N ALA A 162 1.66 -0.18 -22.48
CA ALA A 162 2.21 -1.10 -23.48
C ALA A 162 3.72 -1.04 -23.48
N THR A 163 4.35 -2.21 -23.51
CA THR A 163 5.79 -2.32 -23.71
C THR A 163 6.15 -3.56 -24.53
N ASN A 164 7.32 -3.49 -25.15
CA ASN A 164 7.94 -4.68 -25.74
C ASN A 164 9.14 -5.08 -24.89
N ARG A 165 9.19 -4.55 -23.67
CA ARG A 165 10.33 -4.78 -22.81
C ARG A 165 9.90 -4.89 -21.34
N PRO A 166 9.14 -5.94 -21.02
CA PRO A 166 8.45 -6.08 -19.74
C PRO A 166 9.32 -6.40 -18.50
N ASP A 167 10.48 -7.03 -18.67
CA ASP A 167 11.30 -7.39 -17.50
C ASP A 167 12.22 -6.26 -17.02
N ILE A 168 12.22 -5.19 -17.79
CA ILE A 168 12.87 -3.94 -17.45
C ILE A 168 11.95 -3.22 -16.45
N LEU A 169 10.67 -3.57 -16.48
CA LEU A 169 9.65 -2.89 -15.70
C LEU A 169 9.86 -2.98 -14.22
N ASP A 170 9.31 -1.99 -13.54
CA ASP A 170 9.49 -1.79 -12.13
C ASP A 170 8.35 -2.43 -11.40
N PRO A 171 8.63 -3.48 -10.63
CA PRO A 171 7.61 -4.22 -9.89
C PRO A 171 6.62 -3.31 -9.21
N ALA A 172 7.06 -2.11 -8.85
CA ALA A 172 6.25 -1.16 -8.11
C ALA A 172 4.96 -0.88 -8.84
N ILE A 173 5.06 -0.94 -10.15
CA ILE A 173 3.98 -0.59 -11.00
C ILE A 173 2.99 -1.78 -11.06
N LEU A 174 3.53 -3.00 -11.02
CA LEU A 174 2.74 -4.21 -11.24
C LEU A 174 1.88 -4.55 -10.03
N ARG A 175 2.13 -3.86 -8.94
CA ARG A 175 1.39 -3.99 -7.71
C ARG A 175 -0.14 -3.85 -7.93
N PRO A 176 -0.96 -4.57 -7.13
CA PRO A 176 -2.42 -4.47 -7.26
C PRO A 176 -2.95 -3.09 -6.89
N GLY A 177 -3.83 -2.55 -7.74
CA GLY A 177 -4.34 -1.20 -7.56
C GLY A 177 -3.74 -0.34 -8.64
N ARG A 178 -2.95 -0.98 -9.49
CA ARG A 178 -2.41 -0.36 -10.70
C ARG A 178 -2.54 -1.29 -11.93
N PHE A 179 -1.43 -1.48 -12.62
CA PHE A 179 -1.35 -2.45 -13.69
C PHE A 179 -1.20 -3.86 -13.11
N ASP A 180 -2.31 -4.55 -12.92
CA ASP A 180 -2.32 -5.88 -12.31
C ASP A 180 -2.66 -7.00 -13.28
N ARG A 181 -3.36 -6.69 -14.36
CA ARG A 181 -3.49 -7.59 -15.50
C ARG A 181 -2.32 -7.32 -16.44
N ILE A 182 -1.61 -8.35 -16.86
CA ILE A 182 -0.59 -8.09 -17.88
C ILE A 182 -0.74 -9.05 -19.03
N ILE A 183 -1.28 -8.60 -20.16
CA ILE A 183 -1.54 -9.50 -21.26
C ILE A 183 -0.44 -9.51 -22.29
N GLU A 184 -0.04 -10.69 -22.72
CA GLU A 184 0.86 -10.79 -23.87
C GLU A 184 0.14 -10.58 -25.20
N VAL A 185 0.77 -9.83 -26.10
CA VAL A 185 0.24 -9.61 -27.42
C VAL A 185 1.34 -9.99 -28.42
N PRO A 186 1.40 -11.29 -28.77
CA PRO A 186 2.56 -11.83 -29.48
C PRO A 186 2.46 -11.78 -31.01
N ALA A 187 3.62 -11.90 -31.67
CA ALA A 187 3.65 -12.13 -33.11
C ALA A 187 2.73 -13.31 -33.41
N PRO A 188 1.87 -13.20 -34.44
CA PRO A 188 0.83 -14.21 -34.58
C PRO A 188 1.31 -15.47 -35.27
N ASP A 189 0.70 -16.59 -34.91
CA ASP A 189 0.96 -17.87 -35.55
C ASP A 189 0.49 -17.86 -37.02
N GLU A 190 0.51 -19.02 -37.67
CA GLU A 190 0.06 -19.08 -39.05
C GLU A 190 -1.42 -18.74 -39.12
N LYS A 191 -2.24 -19.48 -38.39
CA LYS A 191 -3.67 -19.20 -38.31
C LYS A 191 -3.90 -17.72 -38.17
N GLY A 192 -3.14 -17.09 -37.29
CA GLY A 192 -3.32 -15.68 -37.02
C GLY A 192 -3.05 -14.85 -38.26
N ARG A 193 -1.86 -15.00 -38.81
CA ARG A 193 -1.44 -14.21 -39.95
C ARG A 193 -2.55 -14.15 -40.97
N LEU A 194 -3.12 -15.32 -41.30
CA LEU A 194 -4.15 -15.39 -42.35
C LEU A 194 -5.33 -14.46 -42.09
N GLU A 195 -5.83 -14.44 -40.86
CA GLU A 195 -6.95 -13.56 -40.50
C GLU A 195 -6.57 -12.13 -40.79
N ILE A 196 -5.41 -11.73 -40.26
CA ILE A 196 -4.88 -10.39 -40.49
C ILE A 196 -4.75 -10.07 -41.99
N LEU A 197 -4.38 -11.09 -42.79
CA LEU A 197 -4.26 -10.95 -44.25
C LEU A 197 -5.62 -10.76 -44.86
N LYS A 198 -6.58 -11.54 -44.41
CA LYS A 198 -7.95 -11.37 -44.84
C LYS A 198 -8.47 -9.97 -44.49
N ILE A 199 -8.16 -9.44 -43.31
CA ILE A 199 -8.64 -8.11 -42.93
C ILE A 199 -8.12 -7.05 -43.89
N HIS A 200 -6.82 -7.04 -44.13
CA HIS A 200 -6.21 -5.97 -44.91
C HIS A 200 -6.40 -6.10 -46.42
N THR A 201 -6.76 -7.29 -46.87
CA THR A 201 -7.00 -7.42 -48.29
C THR A 201 -8.48 -7.28 -48.56
N ARG A 202 -9.28 -7.25 -47.50
CA ARG A 202 -10.74 -7.11 -47.61
C ARG A 202 -11.24 -5.97 -48.52
N LYS A 203 -10.53 -4.85 -48.60
CA LYS A 203 -10.98 -3.79 -49.48
C LYS A 203 -10.20 -3.70 -50.77
N MET A 204 -9.28 -4.63 -51.00
CA MET A 204 -8.52 -4.57 -52.24
C MET A 204 -8.87 -5.64 -53.31
N ASN A 205 -8.62 -5.30 -54.57
CA ASN A 205 -9.08 -6.06 -55.71
C ASN A 205 -8.13 -7.22 -56.08
N LEU A 206 -8.39 -8.40 -55.50
CA LEU A 206 -7.48 -9.53 -55.61
C LEU A 206 -7.79 -10.36 -56.83
N ALA A 207 -6.76 -10.87 -57.49
CA ALA A 207 -6.94 -11.75 -58.63
C ALA A 207 -7.25 -13.15 -58.10
N GLU A 208 -7.90 -13.98 -58.93
CA GLU A 208 -8.32 -15.29 -58.43
C GLU A 208 -7.18 -16.28 -58.22
N ASP A 209 -5.95 -15.87 -58.53
CA ASP A 209 -4.81 -16.75 -58.25
C ASP A 209 -4.26 -16.59 -56.84
N VAL A 210 -4.70 -15.53 -56.15
CA VAL A 210 -4.08 -15.14 -54.88
C VAL A 210 -4.42 -16.09 -53.73
N ASN A 211 -3.55 -17.06 -53.44
CA ASN A 211 -3.80 -17.98 -52.32
C ASN A 211 -3.30 -17.38 -51.04
N LEU A 212 -4.21 -16.86 -50.21
CA LEU A 212 -3.79 -16.17 -49.00
C LEU A 212 -3.21 -17.16 -48.01
N GLU A 213 -3.86 -18.32 -47.92
CA GLU A 213 -3.37 -19.40 -47.09
C GLU A 213 -1.88 -19.55 -47.30
N GLU A 214 -1.47 -19.55 -48.56
CA GLU A 214 -0.08 -19.74 -48.94
C GLU A 214 0.84 -18.66 -48.36
N ILE A 215 0.44 -17.41 -48.51
CA ILE A 215 1.29 -16.32 -48.07
C ILE A 215 1.45 -16.27 -46.55
N ALA A 216 0.39 -16.59 -45.82
CA ALA A 216 0.47 -16.73 -44.37
C ALA A 216 1.58 -17.72 -44.03
N LYS A 217 1.63 -18.80 -44.82
CA LYS A 217 2.63 -19.85 -44.66
C LYS A 217 4.03 -19.31 -45.00
N MET A 218 4.09 -18.26 -45.82
CA MET A 218 5.36 -17.73 -46.28
C MET A 218 5.97 -16.71 -45.33
N THR A 219 5.21 -16.32 -44.31
CA THR A 219 5.57 -15.16 -43.49
C THR A 219 5.85 -15.47 -42.02
N GLU A 220 6.76 -16.41 -41.80
CA GLU A 220 7.20 -16.84 -40.49
C GLU A 220 7.53 -15.65 -39.61
N GLY A 221 6.71 -15.48 -38.59
CA GLY A 221 6.97 -14.49 -37.55
C GLY A 221 7.01 -13.05 -38.04
N CYS A 222 6.13 -12.70 -38.95
CA CYS A 222 5.92 -11.30 -39.24
C CYS A 222 4.85 -10.83 -38.27
N VAL A 223 4.76 -9.53 -38.10
CA VAL A 223 3.77 -8.95 -37.23
C VAL A 223 2.68 -8.30 -38.07
N GLY A 224 1.52 -8.06 -37.46
CA GLY A 224 0.41 -7.42 -38.17
C GLY A 224 0.75 -6.16 -38.94
N ALA A 225 1.62 -5.32 -38.39
CA ALA A 225 2.05 -4.14 -39.12
C ALA A 225 2.88 -4.49 -40.35
N GLU A 226 3.69 -5.53 -40.26
CA GLU A 226 4.52 -5.92 -41.38
C GLU A 226 3.65 -6.52 -42.46
N LEU A 227 2.64 -7.28 -42.05
CA LEU A 227 1.71 -7.88 -43.02
C LEU A 227 0.90 -6.80 -43.71
N LYS A 228 0.39 -5.85 -42.92
CA LYS A 228 -0.31 -4.75 -43.53
C LYS A 228 0.54 -4.15 -44.63
N ALA A 229 1.84 -3.98 -44.37
CA ALA A 229 2.74 -3.37 -45.34
C ALA A 229 2.89 -4.23 -46.61
N ILE A 230 2.91 -5.54 -46.42
CA ILE A 230 2.94 -6.48 -47.52
C ILE A 230 1.78 -6.23 -48.48
N CYS A 231 0.55 -6.20 -47.94
CA CYS A 231 -0.65 -5.86 -48.73
C CYS A 231 -0.53 -4.57 -49.51
N THR A 232 -0.03 -3.52 -48.90
CA THR A 232 0.09 -2.29 -49.66
C THR A 232 1.30 -2.31 -50.60
N GLU A 233 2.26 -3.21 -50.38
CA GLU A 233 3.37 -3.31 -51.32
C GLU A 233 2.97 -4.11 -52.53
N ALA A 234 2.21 -5.17 -52.30
CA ALA A 234 1.74 -6.02 -53.39
C ALA A 234 0.90 -5.22 -54.38
N GLY A 235 0.07 -4.31 -53.84
CA GLY A 235 -0.78 -3.45 -54.64
C GLY A 235 0.04 -2.54 -55.52
N MET A 236 1.15 -2.08 -54.97
CA MET A 236 2.01 -1.15 -55.65
C MET A 236 2.79 -1.83 -56.77
N ASN A 237 2.95 -3.14 -56.67
CA ASN A 237 3.60 -3.89 -57.73
C ASN A 237 2.66 -3.92 -58.91
N ALA A 238 1.38 -4.12 -58.60
CA ALA A 238 0.34 -4.09 -59.60
C ALA A 238 0.24 -2.73 -60.28
N ILE A 239 0.08 -1.68 -59.50
CA ILE A 239 0.19 -0.32 -60.02
C ILE A 239 1.42 -0.15 -60.88
N ARG A 240 2.58 -0.58 -60.39
CA ARG A 240 3.82 -0.45 -61.15
C ARG A 240 3.72 -1.12 -62.50
N GLU A 241 3.06 -2.27 -62.57
CA GLU A 241 2.83 -2.84 -63.88
C GLU A 241 1.47 -2.44 -64.41
N LEU A 242 1.03 -1.23 -64.06
CA LEU A 242 -0.21 -0.65 -64.57
C LEU A 242 -1.36 -1.64 -64.67
N ARG A 243 -1.67 -2.27 -63.55
CA ARG A 243 -2.81 -3.17 -63.48
C ARG A 243 -3.83 -2.63 -62.48
N ASP A 244 -4.78 -3.46 -62.10
CA ASP A 244 -6.06 -2.99 -61.59
C ASP A 244 -6.37 -3.98 -60.52
N TYR A 245 -5.60 -5.07 -60.57
CA TYR A 245 -5.84 -6.26 -59.78
C TYR A 245 -4.49 -6.79 -59.30
N VAL A 246 -4.48 -7.41 -58.13
CA VAL A 246 -3.23 -7.82 -57.52
C VAL A 246 -3.00 -9.31 -57.65
N THR A 247 -1.79 -9.69 -58.03
CA THR A 247 -1.49 -11.06 -58.40
C THR A 247 -0.71 -11.83 -57.35
N MET A 248 -0.90 -13.16 -57.33
CA MET A 248 -0.16 -14.04 -56.43
C MET A 248 1.31 -13.68 -56.53
N ASP A 249 1.71 -13.33 -57.75
CA ASP A 249 3.08 -12.95 -57.99
C ASP A 249 3.47 -11.70 -57.21
N ASP A 250 2.71 -10.62 -57.37
CA ASP A 250 2.94 -9.36 -56.66
C ASP A 250 3.29 -9.56 -55.19
N PHE A 251 2.53 -10.45 -54.58
CA PHE A 251 2.68 -10.73 -53.17
C PHE A 251 4.01 -11.40 -52.89
N ARG A 252 4.35 -12.41 -53.68
CA ARG A 252 5.64 -13.08 -53.52
C ARG A 252 6.79 -12.07 -53.50
N LYS A 253 6.68 -11.03 -54.33
CA LYS A 253 7.66 -9.95 -54.35
C LYS A 253 7.55 -9.01 -53.15
N ALA A 254 6.34 -8.81 -52.65
CA ALA A 254 6.18 -8.04 -51.45
C ALA A 254 6.80 -8.80 -50.31
N VAL A 255 6.37 -10.04 -50.11
CA VAL A 255 6.89 -10.88 -49.02
C VAL A 255 8.42 -10.87 -49.05
N GLU A 256 8.95 -11.22 -50.23
CA GLU A 256 10.38 -11.24 -50.45
C GLU A 256 11.08 -9.95 -50.02
N LYS A 257 10.46 -8.80 -50.28
CA LYS A 257 11.04 -7.51 -49.94
C LYS A 257 11.04 -7.30 -48.44
N ILE A 258 9.89 -7.56 -47.82
CA ILE A 258 9.69 -7.27 -46.42
C ILE A 258 10.49 -8.20 -45.51
N MET A 259 10.69 -9.43 -45.98
CA MET A 259 11.44 -10.42 -45.20
C MET A 259 12.94 -10.13 -45.18
N GLU A 260 13.48 -9.65 -46.30
CA GLU A 260 14.87 -9.21 -46.33
C GLU A 260 15.07 -7.94 -45.53
N LYS A 261 14.16 -6.97 -45.71
CA LYS A 261 14.11 -5.76 -44.89
C LYS A 261 14.11 -6.09 -43.40
N LYS A 262 13.50 -7.24 -43.08
CA LYS A 262 13.40 -7.72 -41.72
C LYS A 262 14.73 -8.30 -41.25
N LYS A 263 15.49 -8.88 -42.18
CA LYS A 263 16.80 -9.48 -41.85
C LYS A 263 17.89 -8.44 -41.61
N VAL A 264 17.54 -7.32 -40.98
CA VAL A 264 18.51 -6.28 -40.62
C VAL A 264 19.40 -6.76 -39.46
N LYS A 265 20.27 -7.71 -39.78
CA LYS A 265 21.21 -8.27 -38.81
C LYS A 265 22.65 -7.80 -39.06
N ALA B 5 11.44 12.34 37.19
CA ALA B 5 10.72 13.64 37.35
C ALA B 5 10.09 14.15 36.03
N MET B 6 9.69 13.18 35.19
CA MET B 6 8.90 13.38 33.95
C MET B 6 8.59 12.01 33.36
N GLU B 7 7.35 11.74 32.96
CA GLU B 7 7.05 10.40 32.44
C GLU B 7 7.63 10.20 31.05
N VAL B 8 8.25 9.04 30.86
CA VAL B 8 8.83 8.66 29.59
C VAL B 8 8.08 7.43 29.10
N ASP B 9 7.52 7.52 27.92
CA ASP B 9 6.78 6.39 27.44
C ASP B 9 7.45 5.99 26.13
N GLU B 10 8.32 4.99 26.18
CA GLU B 10 8.87 4.43 24.95
C GLU B 10 7.65 3.76 24.38
N ARG B 11 7.47 3.82 23.07
CA ARG B 11 6.18 3.38 22.46
C ARG B 11 4.91 3.79 23.25
N PRO B 12 4.47 5.03 23.01
CA PRO B 12 3.16 5.41 23.48
C PRO B 12 2.15 4.67 22.61
N ASN B 13 0.92 4.49 23.07
CA ASN B 13 -0.03 3.88 22.15
C ASN B 13 -1.36 4.63 21.92
N VAL B 14 -1.33 5.72 21.16
CA VAL B 14 -2.56 6.44 20.78
C VAL B 14 -2.68 6.51 19.26
N ARG B 15 -3.86 6.20 18.73
CA ARG B 15 -4.06 6.21 17.29
C ARG B 15 -4.95 7.37 16.87
N TYR B 16 -4.65 8.05 15.77
CA TYR B 16 -5.45 9.21 15.35
C TYR B 16 -6.94 8.82 15.34
N GLU B 17 -7.20 7.63 14.79
CA GLU B 17 -8.50 7.02 14.80
C GLU B 17 -9.26 7.27 16.08
N ASP B 18 -8.57 7.34 17.21
CA ASP B 18 -9.29 7.44 18.46
C ASP B 18 -9.37 8.89 18.95
N ILE B 19 -9.16 9.84 18.06
CA ILE B 19 -9.26 11.24 18.44
C ILE B 19 -10.30 11.96 17.60
N GLY B 20 -11.42 12.33 18.19
CA GLY B 20 -12.50 12.90 17.40
C GLY B 20 -12.60 14.38 17.59
N GLY B 21 -13.31 15.03 16.70
CA GLY B 21 -13.59 16.43 16.88
C GLY B 21 -12.58 17.25 16.14
N LEU B 22 -11.31 16.81 16.23
CA LEU B 22 -10.18 17.65 15.82
C LEU B 22 -9.65 17.46 14.40
N GLU B 23 -10.56 17.12 13.50
CA GLU B 23 -10.36 17.16 12.06
C GLU B 23 -9.13 17.92 11.58
N LYS B 24 -9.25 19.24 11.62
CA LYS B 24 -8.28 20.15 11.00
C LYS B 24 -7.05 20.44 11.83
N GLN B 25 -7.17 20.34 13.14
CA GLN B 25 -5.98 20.54 13.93
C GLN B 25 -5.14 19.29 13.87
N MET B 26 -5.79 18.15 13.69
CA MET B 26 -5.05 16.92 13.55
C MET B 26 -4.28 16.93 12.25
N GLN B 27 -4.92 17.42 11.20
CA GLN B 27 -4.29 17.45 9.91
C GLN B 27 -3.09 18.38 9.98
N GLU B 28 -3.29 19.51 10.64
CA GLU B 28 -2.22 20.49 10.76
C GLU B 28 -1.04 19.95 11.52
N ILE B 29 -1.31 19.22 12.60
CA ILE B 29 -0.22 18.72 13.39
C ILE B 29 0.53 17.66 12.63
N ARG B 30 -0.18 16.88 11.85
CA ARG B 30 0.50 15.80 11.17
C ARG B 30 1.43 16.35 10.11
N GLU B 31 1.02 17.41 9.43
CA GLU B 31 1.89 17.94 8.41
C GLU B 31 3.04 18.78 8.94
N VAL B 32 2.85 19.39 10.10
CA VAL B 32 3.87 20.22 10.66
C VAL B 32 4.82 19.48 11.63
N VAL B 33 4.43 18.32 12.13
CA VAL B 33 5.36 17.58 12.94
C VAL B 33 5.57 16.11 12.58
N GLU B 34 4.51 15.40 12.15
CA GLU B 34 4.73 14.02 11.71
C GLU B 34 5.58 13.97 10.44
N LEU B 35 5.33 14.89 9.53
CA LEU B 35 6.01 14.85 8.25
C LEU B 35 7.50 15.14 8.34
N PRO B 36 7.88 16.24 9.00
CA PRO B 36 9.30 16.51 9.16
C PRO B 36 10.00 15.32 9.77
N LEU B 37 9.38 14.67 10.74
CA LEU B 37 9.98 13.50 11.39
C LEU B 37 10.21 12.36 10.40
N LYS B 38 9.23 12.10 9.56
CA LYS B 38 9.33 10.98 8.67
C LYS B 38 10.21 11.28 7.48
N HIS B 39 10.25 12.53 7.03
CA HIS B 39 10.93 12.87 5.80
C HIS B 39 11.76 14.12 5.91
N PRO B 40 12.82 14.09 6.70
CA PRO B 40 13.63 15.25 6.86
C PRO B 40 14.17 15.68 5.52
N GLU B 41 14.63 14.74 4.71
CA GLU B 41 15.30 15.07 3.45
C GLU B 41 14.30 15.70 2.50
N LEU B 42 13.02 15.38 2.68
CA LEU B 42 12.02 15.96 1.84
C LEU B 42 11.89 17.43 2.13
N PHE B 43 11.81 17.79 3.41
CA PHE B 43 11.80 19.19 3.82
C PHE B 43 13.12 19.87 3.47
N GLU B 44 14.22 19.13 3.58
CA GLU B 44 15.49 19.69 3.22
C GLU B 44 15.53 20.01 1.74
N LYS B 45 15.45 18.99 0.90
CA LYS B 45 15.51 19.15 -0.55
C LYS B 45 14.40 20.02 -1.13
N VAL B 46 13.24 20.11 -0.47
CA VAL B 46 12.27 21.12 -0.86
C VAL B 46 12.82 22.44 -0.43
N GLY B 47 13.13 22.60 0.86
CA GLY B 47 13.80 23.80 1.31
C GLY B 47 13.09 24.66 2.33
N ILE B 48 12.37 24.04 3.25
CA ILE B 48 11.81 24.77 4.38
C ILE B 48 12.10 24.12 5.74
N GLU B 49 12.46 24.94 6.73
CA GLU B 49 12.78 24.42 8.06
C GLU B 49 11.52 24.06 8.79
N PRO B 50 11.39 22.81 9.20
CA PRO B 50 10.21 22.49 10.01
C PRO B 50 10.27 23.27 11.31
N PRO B 51 9.12 23.49 11.95
CA PRO B 51 9.07 24.08 13.30
C PRO B 51 9.75 23.21 14.33
N LYS B 52 10.52 23.85 15.20
CA LYS B 52 11.27 23.19 16.25
C LYS B 52 10.27 22.85 17.31
N GLY B 53 9.25 23.68 17.46
CA GLY B 53 8.30 23.50 18.53
C GLY B 53 6.95 24.12 18.24
N ILE B 54 5.90 23.37 18.57
CA ILE B 54 4.56 23.88 18.37
C ILE B 54 3.77 24.01 19.69
N LEU B 55 2.72 24.82 19.64
CA LEU B 55 2.01 25.19 20.84
C LEU B 55 0.52 24.96 20.73
N LEU B 56 -0.05 24.25 21.70
CA LEU B 56 -1.45 23.84 21.66
C LEU B 56 -2.25 24.57 22.73
N TYR B 57 -3.40 25.13 22.39
CA TYR B 57 -4.19 25.79 23.43
C TYR B 57 -5.68 25.43 23.50
N GLY B 58 -6.23 25.54 24.71
CA GLY B 58 -7.64 25.29 24.93
C GLY B 58 -7.82 24.60 26.26
N PRO B 59 -9.07 24.44 26.70
CA PRO B 59 -9.44 23.92 28.01
C PRO B 59 -8.92 22.50 28.25
N PRO B 60 -8.98 22.04 29.52
CA PRO B 60 -8.40 20.73 29.84
C PRO B 60 -9.31 19.58 29.42
N GLY B 61 -8.70 18.46 29.02
CA GLY B 61 -9.47 17.31 28.58
C GLY B 61 -10.04 17.51 27.19
N THR B 62 -9.27 18.15 26.33
CA THR B 62 -9.70 18.46 25.00
C THR B 62 -9.10 17.52 23.96
N GLY B 63 -7.83 17.18 24.14
CA GLY B 63 -7.15 16.25 23.26
C GLY B 63 -5.70 16.60 23.03
N LYS B 64 -5.23 17.63 23.70
CA LYS B 64 -3.89 18.12 23.47
C LYS B 64 -2.88 17.00 23.74
N THR B 65 -2.87 16.46 24.96
CA THR B 65 -1.98 15.34 25.22
C THR B 65 -2.20 14.22 24.22
N LEU B 66 -3.47 13.96 23.93
CA LEU B 66 -3.82 12.89 22.99
C LEU B 66 -3.17 13.06 21.63
N LEU B 67 -3.29 14.24 21.03
CA LEU B 67 -2.61 14.50 19.75
C LEU B 67 -1.10 14.26 19.83
N ALA B 68 -0.46 14.76 20.89
CA ALA B 68 0.98 14.52 21.04
C ALA B 68 1.26 13.02 21.00
N LYS B 69 0.59 12.26 21.84
CA LYS B 69 0.91 10.84 21.92
C LYS B 69 0.63 10.20 20.57
N ALA B 70 -0.39 10.70 19.88
CA ALA B 70 -0.74 10.11 18.60
C ALA B 70 0.40 10.33 17.60
N VAL B 71 0.91 11.55 17.55
CA VAL B 71 2.04 11.85 16.71
C VAL B 71 3.21 10.97 17.12
N ALA B 72 3.48 10.92 18.42
CA ALA B 72 4.59 10.12 18.91
C ALA B 72 4.42 8.66 18.48
N THR B 73 3.19 8.18 18.52
CA THR B 73 2.93 6.79 18.17
C THR B 73 3.23 6.57 16.70
N GLU B 74 2.64 7.40 15.84
CA GLU B 74 2.81 7.24 14.42
C GLU B 74 4.26 7.30 13.99
N THR B 75 5.03 8.19 14.59
CA THR B 75 6.40 8.36 14.15
C THR B 75 7.40 7.40 14.83
N ASN B 76 6.88 6.45 15.62
CA ASN B 76 7.69 5.60 16.51
C ASN B 76 8.65 6.42 17.31
N ALA B 77 8.16 7.46 17.95
CA ALA B 77 9.05 8.33 18.68
C ALA B 77 8.78 8.20 20.18
N THR B 78 9.80 8.48 20.99
CA THR B 78 9.69 8.33 22.44
C THR B 78 8.85 9.47 22.99
N PHE B 79 7.86 9.16 23.82
CA PHE B 79 6.97 10.23 24.30
C PHE B 79 7.31 10.65 25.71
N ILE B 80 7.64 11.92 25.89
CA ILE B 80 8.12 12.42 27.17
C ILE B 80 7.18 13.50 27.66
N ARG B 81 6.41 13.19 28.70
CA ARG B 81 5.47 14.17 29.21
C ARG B 81 6.16 14.95 30.30
N VAL B 82 5.99 16.27 30.24
CA VAL B 82 6.57 17.18 31.20
C VAL B 82 5.47 18.06 31.77
N VAL B 83 5.38 18.15 33.11
CA VAL B 83 4.37 18.97 33.77
C VAL B 83 4.98 20.27 34.25
N GLY B 84 4.44 21.38 33.78
CA GLY B 84 4.95 22.69 34.13
C GLY B 84 5.12 22.93 35.63
N SER B 85 4.01 22.86 36.37
CA SER B 85 4.03 23.15 37.81
C SER B 85 5.07 22.34 38.56
N GLU B 86 5.44 21.20 37.99
CA GLU B 86 6.40 20.34 38.61
C GLU B 86 7.82 20.71 38.25
N LEU B 87 8.00 21.83 37.55
CA LEU B 87 9.34 22.35 37.32
C LEU B 87 9.59 23.59 38.18
N VAL B 88 8.50 24.20 38.60
CA VAL B 88 8.55 25.42 39.40
C VAL B 88 9.13 25.12 40.78
N LYS B 89 9.44 23.85 41.01
CA LYS B 89 10.16 23.44 42.21
C LYS B 89 11.53 24.10 42.16
N LYS B 90 11.81 24.91 43.17
CA LYS B 90 12.99 25.76 43.07
C LYS B 90 13.90 25.74 44.30
N PHE B 91 15.07 25.14 44.09
CA PHE B 91 16.20 25.46 44.92
C PHE B 91 16.93 26.56 44.16
N ILE B 92 18.22 26.38 43.93
CA ILE B 92 18.93 27.24 43.02
C ILE B 92 19.08 26.45 41.71
N GLY B 93 18.95 27.13 40.56
CA GLY B 93 19.05 26.49 39.25
C GLY B 93 18.42 25.10 39.16
N GLU B 94 17.39 24.88 39.97
CA GLU B 94 16.89 23.54 40.22
C GLU B 94 15.96 23.06 39.13
N GLY B 95 14.96 23.87 38.79
CA GLY B 95 14.13 23.60 37.61
C GLY B 95 14.96 23.73 36.35
N ALA B 96 15.87 24.71 36.33
CA ALA B 96 16.79 24.89 35.23
C ALA B 96 17.52 23.59 34.89
N SER B 97 17.67 22.75 35.90
CA SER B 97 18.53 21.59 35.76
C SER B 97 17.83 20.48 35.03
N LEU B 98 16.66 20.07 35.51
CA LEU B 98 15.95 18.95 34.90
C LEU B 98 15.68 19.24 33.44
N VAL B 99 15.43 20.50 33.09
CA VAL B 99 15.24 20.79 31.66
C VAL B 99 16.42 20.20 30.91
N LYS B 100 17.63 20.50 31.40
CA LYS B 100 18.83 19.97 30.81
C LYS B 100 18.77 18.44 30.76
N ASP B 101 18.49 17.82 31.90
CA ASP B 101 18.25 16.36 31.95
C ASP B 101 17.21 15.89 30.89
N ILE B 102 16.07 16.56 30.82
CA ILE B 102 15.00 16.13 29.92
C ILE B 102 15.44 16.11 28.46
N PHE B 103 16.16 17.14 28.06
CA PHE B 103 16.60 17.26 26.69
C PHE B 103 17.70 16.26 26.41
N LYS B 104 18.52 16.00 27.43
CA LYS B 104 19.58 15.04 27.30
C LYS B 104 18.95 13.72 26.90
N LEU B 105 17.98 13.31 27.70
CA LEU B 105 17.35 12.03 27.48
C LEU B 105 16.52 12.00 26.19
N ALA B 106 15.84 13.11 25.90
CA ALA B 106 15.12 13.24 24.65
C ALA B 106 16.05 12.97 23.48
N LYS B 107 17.23 13.57 23.53
CA LYS B 107 18.22 13.42 22.48
C LYS B 107 18.74 12.01 22.42
N GLU B 108 18.90 11.38 23.58
CA GLU B 108 19.49 10.04 23.61
C GLU B 108 18.51 8.99 23.16
N LYS B 109 17.23 9.34 23.03
CA LYS B 109 16.24 8.38 22.59
C LYS B 109 15.41 8.97 21.43
N ALA B 110 16.13 9.51 20.45
CA ALA B 110 15.52 10.09 19.27
C ALA B 110 15.13 9.00 18.31
N PRO B 111 14.03 9.21 17.58
CA PRO B 111 13.27 10.48 17.63
C PRO B 111 12.39 10.53 18.85
N SER B 112 11.98 11.74 19.22
CA SER B 112 11.09 11.85 20.38
C SER B 112 10.32 13.17 20.50
N ILE B 113 9.05 13.10 20.89
CA ILE B 113 8.25 14.29 21.20
C ILE B 113 8.38 14.65 22.67
N ILE B 114 8.69 15.92 22.95
CA ILE B 114 8.63 16.37 24.33
C ILE B 114 7.34 17.14 24.53
N PHE B 115 6.44 16.60 25.31
CA PHE B 115 5.18 17.29 25.50
C PHE B 115 5.24 18.02 26.82
N ILE B 116 5.23 19.34 26.76
CA ILE B 116 5.20 20.11 27.98
C ILE B 116 3.79 20.52 28.35
N ASP B 117 3.16 19.76 29.24
CA ASP B 117 1.81 20.08 29.71
C ASP B 117 1.92 21.34 30.55
N GLU B 118 0.92 22.21 30.49
CA GLU B 118 0.83 23.29 31.47
C GLU B 118 2.08 24.17 31.43
N ILE B 119 2.39 24.70 30.25
CA ILE B 119 3.65 25.43 30.04
C ILE B 119 3.66 26.84 30.63
N ASP B 120 2.46 27.40 30.82
CA ASP B 120 2.28 28.74 31.39
C ASP B 120 2.87 28.89 32.79
N ALA B 121 3.07 27.77 33.47
CA ALA B 121 3.71 27.77 34.78
C ALA B 121 5.15 28.25 34.66
N ILE B 122 5.63 28.32 33.42
CA ILE B 122 7.02 28.62 33.16
C ILE B 122 7.17 29.80 32.20
N ALA B 123 6.22 29.92 31.28
CA ALA B 123 6.30 30.89 30.19
C ALA B 123 5.43 32.12 30.32
N ALA B 124 5.11 32.51 31.55
CA ALA B 124 4.33 33.72 31.72
C ALA B 124 5.24 34.97 31.79
N LYS B 125 4.64 36.13 32.00
CA LYS B 125 5.38 37.31 32.47
C LYS B 125 4.73 37.81 33.75
N ARG B 126 5.51 38.48 34.59
CA ARG B 126 4.94 39.11 35.77
C ARG B 126 4.58 40.56 35.44
N THR B 127 4.12 41.29 36.46
CA THR B 127 3.68 42.70 36.32
C THR B 127 4.63 43.60 35.50
N ASP B 128 5.86 43.74 35.96
CA ASP B 128 6.90 44.45 35.19
C ASP B 128 8.30 43.90 35.51
N ALA B 129 8.95 44.49 36.52
CA ALA B 129 10.20 43.96 37.08
C ALA B 129 10.24 44.05 38.63
N LEU B 130 9.63 43.04 39.27
CA LEU B 130 9.66 42.87 40.74
C LEU B 130 9.92 41.39 41.10
N THR B 131 9.61 40.51 40.14
CA THR B 131 10.01 39.09 40.11
C THR B 131 9.65 38.12 41.26
N GLY B 132 9.63 38.62 42.49
CA GLY B 132 9.45 37.77 43.69
C GLY B 132 10.69 36.93 43.96
N GLY B 133 10.55 35.91 44.80
CA GLY B 133 11.63 34.94 44.95
C GLY B 133 11.90 34.28 43.61
N ASP B 134 10.85 34.22 42.78
CA ASP B 134 10.78 33.41 41.56
C ASP B 134 11.63 33.86 40.40
N ARG B 135 12.81 34.39 40.70
CA ARG B 135 13.80 34.71 39.68
C ARG B 135 14.30 33.40 39.08
N GLU B 136 14.23 32.36 39.91
CA GLU B 136 14.62 31.02 39.54
C GLU B 136 13.85 30.55 38.31
N VAL B 137 12.53 30.74 38.35
CA VAL B 137 11.62 30.32 37.30
C VAL B 137 12.08 30.76 35.91
N GLN B 138 12.52 32.00 35.79
CA GLN B 138 12.97 32.50 34.49
C GLN B 138 14.20 31.77 34.03
N ARG B 139 15.12 31.53 34.96
CA ARG B 139 16.34 30.79 34.64
C ARG B 139 15.95 29.44 34.06
N THR B 140 14.94 28.81 34.64
CA THR B 140 14.40 27.58 34.08
C THR B 140 13.97 27.85 32.64
N LEU B 141 13.12 28.84 32.47
CA LEU B 141 12.56 29.16 31.17
C LEU B 141 13.65 29.43 30.14
N MET B 142 14.73 30.08 30.58
CA MET B 142 15.88 30.31 29.70
C MET B 142 16.45 28.97 29.29
N GLN B 143 16.68 28.12 30.27
CA GLN B 143 17.27 26.82 30.02
C GLN B 143 16.51 26.08 28.92
N LEU B 144 15.21 26.30 28.86
CA LEU B 144 14.39 25.71 27.82
C LEU B 144 14.67 26.39 26.48
N LEU B 145 14.53 27.71 26.45
CA LEU B 145 14.74 28.47 25.22
C LEU B 145 16.14 28.19 24.69
N ALA B 146 17.10 28.13 25.61
CA ALA B 146 18.48 27.77 25.29
C ALA B 146 18.44 26.45 24.52
N GLU B 147 17.97 25.41 25.19
CA GLU B 147 17.93 24.08 24.61
C GLU B 147 17.26 24.08 23.26
N MET B 148 16.22 24.90 23.14
CA MET B 148 15.45 25.00 21.91
C MET B 148 16.24 25.66 20.79
N ASP B 149 16.82 26.83 21.09
CA ASP B 149 17.63 27.58 20.13
C ASP B 149 18.84 26.75 19.78
N GLY B 150 19.37 26.09 20.80
CA GLY B 150 20.61 25.32 20.72
C GLY B 150 20.83 24.54 19.44
N PHE B 151 22.09 24.48 19.04
CA PHE B 151 22.56 23.76 17.87
C PHE B 151 21.87 22.41 17.67
N ASP B 152 21.52 22.09 16.41
CA ASP B 152 20.71 20.90 16.14
C ASP B 152 20.88 20.27 14.75
N ALA B 153 21.44 19.07 14.72
CA ALA B 153 21.83 18.41 13.46
C ALA B 153 20.64 17.89 12.68
N ARG B 154 19.80 17.12 13.36
CA ARG B 154 18.59 16.63 12.70
C ARG B 154 17.38 17.05 13.49
N GLY B 155 16.39 17.65 12.83
CA GLY B 155 15.12 17.83 13.49
C GLY B 155 14.89 16.39 13.88
N ASP B 156 14.79 16.12 15.16
CA ASP B 156 14.91 14.76 15.60
C ASP B 156 14.10 14.71 16.84
N VAL B 157 14.06 15.85 17.52
CA VAL B 157 13.33 15.98 18.73
C VAL B 157 12.40 17.13 18.43
N LYS B 158 11.09 16.93 18.55
CA LYS B 158 10.18 18.07 18.43
C LYS B 158 9.53 18.35 19.78
N ILE B 159 9.08 19.58 19.97
CA ILE B 159 8.55 19.99 21.27
C ILE B 159 7.13 20.47 21.16
N ILE B 160 6.25 19.87 21.95
CA ILE B 160 4.89 20.38 21.99
C ILE B 160 4.54 20.84 23.40
N GLY B 161 4.13 22.09 23.50
CA GLY B 161 3.75 22.64 24.78
C GLY B 161 2.28 22.92 24.74
N ALA B 162 1.61 22.78 25.89
CA ALA B 162 0.17 23.00 26.02
C ALA B 162 -0.19 24.00 27.14
N THR B 163 -1.32 24.70 26.97
CA THR B 163 -1.80 25.63 27.97
C THR B 163 -3.33 25.83 27.86
N ASN B 164 -3.99 26.16 28.98
CA ASN B 164 -5.41 26.58 28.92
C ASN B 164 -5.45 28.09 28.92
N ARG B 165 -4.29 28.72 29.05
CA ARG B 165 -4.25 30.14 29.30
C ARG B 165 -3.21 30.89 28.41
N PRO B 166 -3.49 31.02 27.10
CA PRO B 166 -2.54 31.59 26.13
C PRO B 166 -2.10 33.03 26.42
N ASP B 167 -3.04 33.93 26.67
CA ASP B 167 -2.72 35.36 26.75
C ASP B 167 -1.72 35.68 27.83
N ILE B 168 -1.59 34.78 28.79
CA ILE B 168 -0.62 34.93 29.85
C ILE B 168 0.82 34.73 29.33
N LEU B 169 0.97 34.10 28.16
CA LEU B 169 2.29 33.77 27.62
C LEU B 169 3.11 34.98 27.11
N ASP B 170 4.35 35.08 27.60
CA ASP B 170 5.31 36.03 27.07
C ASP B 170 5.57 35.74 25.60
N PRO B 171 5.37 36.73 24.72
CA PRO B 171 5.49 36.51 23.29
C PRO B 171 6.90 36.14 22.80
N ALA B 172 7.90 36.26 23.68
CA ALA B 172 9.28 35.91 23.32
C ALA B 172 9.38 34.45 22.91
N ILE B 173 8.29 33.74 23.15
CA ILE B 173 8.25 32.31 23.03
C ILE B 173 7.76 31.88 21.66
N LEU B 174 7.17 32.81 20.92
CA LEU B 174 6.75 32.55 19.53
C LEU B 174 7.79 33.01 18.49
N ARG B 175 8.77 33.77 18.99
CA ARG B 175 9.90 34.34 18.26
C ARG B 175 10.76 33.28 17.52
N PRO B 176 10.41 33.00 16.24
CA PRO B 176 10.71 31.77 15.41
C PRO B 176 12.08 31.10 15.64
N GLY B 177 12.15 29.80 15.36
CA GLY B 177 13.21 28.97 15.89
C GLY B 177 12.73 28.37 17.21
N ARG B 178 11.67 28.96 17.75
CA ARG B 178 11.09 28.52 19.03
C ARG B 178 9.72 27.85 18.87
N PHE B 179 8.67 28.39 19.50
CA PHE B 179 7.33 27.94 19.21
C PHE B 179 6.69 28.86 18.20
N ASP B 180 6.54 28.41 16.96
CA ASP B 180 5.99 29.33 15.95
C ASP B 180 4.52 29.15 15.52
N ARG B 181 3.98 27.93 15.59
CA ARG B 181 2.53 27.74 15.46
C ARG B 181 1.85 27.84 16.84
N ILE B 182 0.65 28.41 16.90
CA ILE B 182 -0.24 28.15 18.03
C ILE B 182 -1.53 27.59 17.47
N ILE B 183 -1.79 26.32 17.69
CA ILE B 183 -3.01 25.69 17.19
C ILE B 183 -3.99 25.60 18.32
N GLU B 184 -5.20 26.13 18.11
CA GLU B 184 -6.28 26.00 19.09
C GLU B 184 -6.88 24.60 19.10
N VAL B 185 -7.10 24.06 20.29
CA VAL B 185 -7.71 22.75 20.42
C VAL B 185 -8.90 22.91 21.36
N PRO B 186 -10.06 23.32 20.82
CA PRO B 186 -11.18 23.83 21.62
C PRO B 186 -12.11 22.75 22.18
N ALA B 187 -13.19 23.18 22.82
CA ALA B 187 -14.30 22.27 23.11
C ALA B 187 -14.92 21.80 21.80
N PRO B 188 -15.32 20.53 21.73
CA PRO B 188 -15.88 20.00 20.50
C PRO B 188 -17.28 20.53 20.18
N ASP B 189 -17.54 20.78 18.90
CA ASP B 189 -18.91 21.03 18.50
C ASP B 189 -19.74 19.75 18.54
N GLU B 190 -21.03 19.86 18.26
CA GLU B 190 -21.92 18.71 18.30
C GLU B 190 -21.45 17.59 17.39
N LYS B 191 -21.03 17.92 16.17
CA LYS B 191 -20.49 16.94 15.25
C LYS B 191 -19.32 16.26 15.93
N GLY B 192 -18.34 17.07 16.31
CA GLY B 192 -17.17 16.59 17.02
C GLY B 192 -17.55 15.75 18.22
N ARG B 193 -18.48 16.24 19.02
CA ARG B 193 -18.95 15.49 20.19
C ARG B 193 -19.40 14.09 19.78
N LEU B 194 -20.28 14.02 18.77
CA LEU B 194 -20.72 12.75 18.22
C LEU B 194 -19.57 11.80 17.82
N GLU B 195 -18.55 12.29 17.10
CA GLU B 195 -17.47 11.40 16.67
C GLU B 195 -16.88 10.80 17.89
N ILE B 196 -16.59 11.64 18.87
CA ILE B 196 -15.89 11.18 20.07
C ILE B 196 -16.68 10.08 20.78
N LEU B 197 -17.99 10.27 20.85
CA LEU B 197 -18.90 9.33 21.53
C LEU B 197 -18.92 8.00 20.82
N LYS B 198 -18.76 8.04 19.50
CA LYS B 198 -18.69 6.82 18.73
C LYS B 198 -17.37 6.15 19.06
N ILE B 199 -16.28 6.94 19.09
CA ILE B 199 -14.97 6.37 19.39
C ILE B 199 -14.98 5.61 20.72
N HIS B 200 -15.48 6.26 21.75
CA HIS B 200 -15.45 5.66 23.06
C HIS B 200 -16.44 4.55 23.28
N THR B 201 -17.42 4.41 22.41
CA THR B 201 -18.39 3.34 22.64
C THR B 201 -18.06 2.10 21.81
N ARG B 202 -17.20 2.28 20.82
CA ARG B 202 -16.83 1.22 19.91
C ARG B 202 -16.51 -0.12 20.57
N LYS B 203 -16.16 -0.09 21.85
CA LYS B 203 -15.79 -1.32 22.57
C LYS B 203 -16.89 -1.79 23.51
N MET B 204 -18.02 -1.10 23.51
CA MET B 204 -19.01 -1.43 24.51
C MET B 204 -20.31 -1.88 23.93
N ASN B 205 -20.90 -2.91 24.55
CA ASN B 205 -22.13 -3.56 24.09
C ASN B 205 -23.35 -2.65 24.23
N LEU B 206 -23.78 -1.99 23.16
CA LEU B 206 -24.78 -0.96 23.31
C LEU B 206 -26.17 -1.50 23.04
N ALA B 207 -27.14 -1.07 23.83
CA ALA B 207 -28.54 -1.43 23.56
C ALA B 207 -28.94 -0.88 22.20
N GLU B 208 -30.05 -1.36 21.69
CA GLU B 208 -30.42 -1.00 20.35
C GLU B 208 -31.09 0.33 20.43
N ASP B 209 -31.61 0.64 21.61
CA ASP B 209 -32.31 1.90 21.81
C ASP B 209 -31.33 3.07 21.97
N VAL B 210 -30.06 2.75 22.18
CA VAL B 210 -29.07 3.78 22.45
C VAL B 210 -28.89 4.70 21.25
N ASN B 211 -29.34 5.94 21.37
CA ASN B 211 -29.15 6.93 20.32
C ASN B 211 -28.08 7.97 20.64
N LEU B 212 -26.97 7.89 19.93
CA LEU B 212 -25.84 8.76 20.18
C LEU B 212 -25.99 10.16 19.60
N GLU B 213 -26.76 10.29 18.51
CA GLU B 213 -27.01 11.58 17.89
C GLU B 213 -27.59 12.50 18.95
N GLU B 214 -28.36 11.87 19.83
CA GLU B 214 -29.10 12.56 20.85
C GLU B 214 -28.20 13.02 21.99
N ILE B 215 -27.32 12.15 22.43
CA ILE B 215 -26.47 12.49 23.55
C ILE B 215 -25.50 13.62 23.19
N ALA B 216 -24.96 13.58 21.98
CA ALA B 216 -24.18 14.69 21.47
C ALA B 216 -24.95 15.97 21.71
N LYS B 217 -26.21 15.96 21.27
CA LYS B 217 -27.11 17.10 21.39
C LYS B 217 -27.29 17.50 22.84
N MET B 218 -27.07 16.54 23.74
CA MET B 218 -27.42 16.69 25.13
C MET B 218 -26.29 17.25 25.95
N THR B 219 -25.12 17.37 25.32
CA THR B 219 -23.91 17.70 26.08
C THR B 219 -23.14 18.90 25.53
N GLU B 220 -23.86 19.93 25.10
CA GLU B 220 -23.23 21.21 24.76
C GLU B 220 -22.32 21.62 25.92
N GLY B 221 -21.19 22.23 25.60
CA GLY B 221 -20.22 22.59 26.63
C GLY B 221 -19.33 21.46 27.15
N CYS B 222 -19.53 20.23 26.67
CA CYS B 222 -18.73 19.11 27.18
C CYS B 222 -17.44 19.01 26.43
N VAL B 223 -16.42 18.44 27.07
CA VAL B 223 -15.13 18.15 26.44
C VAL B 223 -14.86 16.63 26.37
N GLY B 224 -13.99 16.23 25.45
CA GLY B 224 -13.62 14.82 25.28
C GLY B 224 -13.50 14.02 26.57
N ALA B 225 -12.75 14.53 27.54
CA ALA B 225 -12.58 13.85 28.84
C ALA B 225 -13.89 13.55 29.56
N GLU B 226 -14.83 14.49 29.46
CA GLU B 226 -16.12 14.37 30.11
C GLU B 226 -17.01 13.36 29.41
N LEU B 227 -16.97 13.37 28.08
CA LEU B 227 -17.69 12.38 27.31
C LEU B 227 -17.22 10.94 27.61
N LYS B 228 -15.92 10.70 27.64
CA LYS B 228 -15.40 9.39 28.06
C LYS B 228 -15.98 9.05 29.40
N ALA B 229 -15.96 10.03 30.29
CA ALA B 229 -16.42 9.86 31.65
C ALA B 229 -17.86 9.37 31.61
N ILE B 230 -18.67 10.03 30.78
CA ILE B 230 -20.07 9.66 30.60
C ILE B 230 -20.19 8.22 30.10
N CYS B 231 -19.45 7.91 29.05
CA CYS B 231 -19.43 6.56 28.51
C CYS B 231 -19.12 5.49 29.53
N THR B 232 -18.30 5.79 30.51
CA THR B 232 -18.01 4.73 31.44
C THR B 232 -18.92 4.77 32.64
N GLU B 233 -19.72 5.83 32.79
CA GLU B 233 -20.70 5.81 33.87
C GLU B 233 -21.90 5.03 33.40
N ALA B 234 -22.20 5.19 32.11
CA ALA B 234 -23.29 4.43 31.48
C ALA B 234 -23.04 2.94 31.63
N GLY B 235 -21.81 2.53 31.40
CA GLY B 235 -21.47 1.14 31.56
C GLY B 235 -21.60 0.74 33.00
N MET B 236 -21.30 1.68 33.89
CA MET B 236 -21.39 1.39 35.33
C MET B 236 -22.82 1.23 35.75
N ASN B 237 -23.68 2.03 35.17
CA ASN B 237 -25.09 1.90 35.40
C ASN B 237 -25.53 0.51 35.00
N ALA B 238 -25.11 0.07 33.82
CA ALA B 238 -25.48 -1.27 33.37
C ALA B 238 -25.00 -2.31 34.36
N ILE B 239 -23.72 -2.24 34.71
CA ILE B 239 -23.16 -3.14 35.70
C ILE B 239 -24.00 -3.17 36.96
N ARG B 240 -24.48 -2.00 37.38
CA ARG B 240 -25.19 -1.89 38.64
C ARG B 240 -26.52 -2.68 38.65
N GLU B 241 -26.93 -3.19 37.50
CA GLU B 241 -28.11 -4.04 37.41
C GLU B 241 -27.69 -5.41 36.92
N LEU B 242 -26.40 -5.68 36.93
CA LEU B 242 -25.85 -6.97 36.51
C LEU B 242 -26.09 -7.28 35.05
N ARG B 243 -26.47 -6.23 34.31
CA ARG B 243 -26.65 -6.34 32.87
C ARG B 243 -25.33 -6.25 32.12
N ASP B 244 -25.43 -6.23 30.80
CA ASP B 244 -24.47 -6.87 29.92
C ASP B 244 -24.43 -6.00 28.71
N TYR B 245 -25.31 -5.00 28.73
CA TYR B 245 -25.60 -4.13 27.62
C TYR B 245 -26.04 -2.80 28.20
N VAL B 246 -25.67 -1.69 27.55
CA VAL B 246 -25.95 -0.33 28.07
C VAL B 246 -27.14 0.34 27.38
N THR B 247 -28.00 0.98 28.16
CA THR B 247 -29.26 1.51 27.66
C THR B 247 -29.19 2.98 27.39
N MET B 248 -30.09 3.48 26.53
CA MET B 248 -30.15 4.90 26.34
C MET B 248 -30.33 5.51 27.71
N ASP B 249 -30.99 4.77 28.59
CA ASP B 249 -31.32 5.34 29.87
C ASP B 249 -30.14 5.34 30.82
N ASP B 250 -29.27 4.35 30.72
CA ASP B 250 -27.99 4.42 31.44
C ASP B 250 -27.32 5.70 31.00
N PHE B 251 -27.31 5.94 29.69
CA PHE B 251 -26.63 7.10 29.21
C PHE B 251 -27.26 8.35 29.79
N ARG B 252 -28.59 8.42 29.79
CA ARG B 252 -29.25 9.63 30.26
C ARG B 252 -28.81 9.97 31.67
N LYS B 253 -28.69 8.96 32.53
CA LYS B 253 -28.31 9.18 33.92
C LYS B 253 -26.89 9.62 34.05
N ALA B 254 -26.00 9.03 33.25
CA ALA B 254 -24.60 9.44 33.24
C ALA B 254 -24.49 10.92 32.87
N VAL B 255 -25.23 11.34 31.86
CA VAL B 255 -25.27 12.76 31.49
C VAL B 255 -25.73 13.59 32.67
N GLU B 256 -26.90 13.30 33.19
CA GLU B 256 -27.34 13.84 34.46
C GLU B 256 -26.13 14.09 35.36
N LYS B 257 -25.32 13.05 35.59
CA LYS B 257 -24.31 13.08 36.62
C LYS B 257 -23.21 14.06 36.29
N ILE B 258 -22.54 13.81 35.19
CA ILE B 258 -21.42 14.63 34.76
C ILE B 258 -21.84 16.09 34.65
N MET B 259 -23.08 16.33 34.24
CA MET B 259 -23.61 17.70 34.11
C MET B 259 -23.78 18.40 35.45
N GLU B 260 -24.34 17.72 36.44
CA GLU B 260 -24.32 18.25 37.78
C GLU B 260 -22.88 18.47 38.23
N LYS B 261 -22.08 17.41 38.16
CA LYS B 261 -20.65 17.43 38.50
C LYS B 261 -20.01 18.69 37.96
N LYS B 262 -20.43 19.09 36.77
CA LYS B 262 -19.80 20.18 36.03
C LYS B 262 -20.14 21.56 36.58
N LYS B 263 -21.40 21.78 36.97
CA LYS B 263 -21.80 23.07 37.54
C LYS B 263 -21.30 23.19 38.98
N VAL B 264 -19.98 23.28 39.18
CA VAL B 264 -19.42 23.42 40.53
C VAL B 264 -19.82 24.78 41.10
N LYS B 265 -20.95 24.81 41.80
CA LYS B 265 -21.54 26.06 42.32
C LYS B 265 -20.75 26.63 43.48
N ALA C 5 14.75 -6.17 -6.22
CA ALA C 5 13.63 -5.52 -5.48
C ALA C 5 13.35 -6.14 -4.09
N MET C 6 12.93 -5.29 -3.15
CA MET C 6 12.24 -5.74 -1.93
C MET C 6 11.06 -4.80 -1.61
N GLU C 7 9.93 -5.40 -1.23
CA GLU C 7 8.68 -4.66 -1.05
C GLU C 7 8.47 -4.14 0.36
N VAL C 8 8.84 -2.91 0.64
CA VAL C 8 8.48 -2.28 1.90
C VAL C 8 7.00 -1.89 1.86
N ASP C 9 6.31 -2.01 2.99
CA ASP C 9 4.92 -1.58 3.09
C ASP C 9 4.57 -1.14 4.52
N GLU C 10 4.61 0.18 4.77
CA GLU C 10 4.16 0.76 6.04
C GLU C 10 2.77 0.21 6.25
N ARG C 11 2.32 0.15 7.48
CA ARG C 11 0.99 -0.43 7.75
C ARG C 11 0.19 -0.95 6.49
N PRO C 12 0.37 -2.25 6.15
CA PRO C 12 -0.51 -2.96 5.21
C PRO C 12 -1.84 -3.25 5.92
N ASN C 13 -2.70 -4.07 5.32
CA ASN C 13 -4.05 -4.16 5.87
C ASN C 13 -4.69 -5.53 5.86
N VAL C 14 -4.16 -6.46 6.65
CA VAL C 14 -4.73 -7.80 6.72
C VAL C 14 -5.29 -8.13 8.09
N ARG C 15 -6.62 -8.22 8.18
CA ARG C 15 -7.25 -8.68 9.40
C ARG C 15 -7.07 -10.19 9.51
N TYR C 16 -6.83 -10.66 10.74
CA TYR C 16 -6.85 -12.07 10.99
C TYR C 16 -8.18 -12.66 10.48
N GLU C 17 -9.26 -11.92 10.70
CA GLU C 17 -10.60 -12.21 10.15
C GLU C 17 -10.55 -12.83 8.79
N ASP C 18 -9.66 -12.29 7.95
CA ASP C 18 -9.66 -12.61 6.54
C ASP C 18 -8.93 -13.90 6.23
N ILE C 19 -8.17 -14.41 7.20
CA ILE C 19 -7.49 -15.68 6.98
C ILE C 19 -8.32 -16.84 7.50
N GLY C 20 -8.65 -17.75 6.59
CA GLY C 20 -9.51 -18.88 6.93
C GLY C 20 -8.79 -20.21 6.96
N GLY C 21 -9.29 -21.11 7.79
CA GLY C 21 -8.83 -22.50 7.80
C GLY C 21 -7.48 -22.69 8.46
N LEU C 22 -7.02 -21.64 9.14
CA LEU C 22 -5.71 -21.69 9.78
C LEU C 22 -5.81 -21.37 11.27
N GLU C 23 -6.94 -21.73 11.87
CA GLU C 23 -7.17 -21.51 13.30
C GLU C 23 -5.87 -21.55 14.07
N LYS C 24 -5.33 -22.77 14.15
CA LYS C 24 -4.26 -23.11 15.08
C LYS C 24 -2.90 -22.47 14.74
N GLN C 25 -2.50 -22.56 13.50
CA GLN C 25 -1.27 -21.94 13.09
C GLN C 25 -1.38 -20.41 13.24
N MET C 26 -2.53 -19.85 12.87
CA MET C 26 -2.78 -18.42 13.08
C MET C 26 -2.67 -18.03 14.55
N GLN C 27 -2.95 -18.98 15.43
CA GLN C 27 -2.75 -18.76 16.87
C GLN C 27 -1.29 -18.97 17.22
N GLU C 28 -0.72 -20.09 16.76
CA GLU C 28 0.66 -20.45 17.09
C GLU C 28 1.61 -19.33 16.72
N ILE C 29 1.32 -18.67 15.62
CA ILE C 29 2.17 -17.58 15.17
C ILE C 29 2.00 -16.32 16.02
N ARG C 30 0.78 -16.11 16.50
CA ARG C 30 0.43 -14.93 17.27
C ARG C 30 1.03 -14.98 18.67
N GLU C 31 1.12 -16.18 19.22
CA GLU C 31 1.68 -16.38 20.55
C GLU C 31 3.20 -16.55 20.47
N VAL C 32 3.77 -16.34 19.30
CA VAL C 32 5.19 -16.60 19.06
C VAL C 32 5.90 -15.42 18.41
N VAL C 33 5.16 -14.62 17.64
CA VAL C 33 5.68 -13.39 17.01
C VAL C 33 4.82 -12.13 17.24
N GLU C 34 3.56 -12.29 17.59
CA GLU C 34 2.74 -11.11 17.91
C GLU C 34 3.02 -10.69 19.33
N LEU C 35 2.89 -11.66 20.23
CA LEU C 35 3.13 -11.45 21.65
C LEU C 35 4.48 -10.77 21.96
N PRO C 36 5.61 -11.34 21.47
CA PRO C 36 6.92 -10.79 21.81
C PRO C 36 7.12 -9.41 21.22
N LEU C 37 6.24 -9.05 20.31
CA LEU C 37 6.35 -7.77 19.67
C LEU C 37 5.50 -6.78 20.43
N LYS C 38 4.40 -7.27 20.99
CA LYS C 38 3.56 -6.45 21.86
C LYS C 38 4.07 -6.38 23.31
N HIS C 39 4.67 -7.45 23.80
CA HIS C 39 5.05 -7.48 25.19
C HIS C 39 6.42 -8.06 25.44
N PRO C 40 7.46 -7.31 25.06
CA PRO C 40 8.83 -7.77 25.25
C PRO C 40 9.18 -7.91 26.73
N GLU C 41 8.62 -7.05 27.56
CA GLU C 41 8.91 -7.02 28.98
C GLU C 41 8.36 -8.29 29.66
N LEU C 42 7.24 -8.78 29.14
CA LEU C 42 6.60 -9.97 29.70
C LEU C 42 7.48 -11.19 29.54
N PHE C 43 8.11 -11.33 28.38
CA PHE C 43 9.05 -12.41 28.16
C PHE C 43 10.22 -12.25 29.11
N GLU C 44 10.61 -11.01 29.35
CA GLU C 44 11.72 -10.75 30.24
C GLU C 44 11.42 -11.20 31.67
N LYS C 45 10.29 -10.76 32.23
CA LYS C 45 9.92 -11.19 33.60
C LYS C 45 9.85 -12.71 33.66
N VAL C 46 9.23 -13.32 32.66
CA VAL C 46 9.17 -14.77 32.60
C VAL C 46 10.57 -15.35 32.49
N GLY C 47 11.45 -14.70 31.74
CA GLY C 47 12.86 -15.08 31.68
C GLY C 47 13.29 -15.95 30.52
N ILE C 48 12.53 -15.93 29.44
CA ILE C 48 12.84 -16.70 28.24
C ILE C 48 12.90 -15.77 27.04
N GLU C 49 13.81 -16.04 26.11
CA GLU C 49 13.93 -15.17 24.96
C GLU C 49 13.04 -15.62 23.83
N PRO C 50 12.34 -14.66 23.22
CA PRO C 50 11.47 -14.94 22.09
C PRO C 50 12.26 -15.61 21.00
N PRO C 51 11.57 -16.24 20.05
CA PRO C 51 12.35 -16.69 18.89
C PRO C 51 12.74 -15.48 18.05
N LYS C 52 13.91 -15.55 17.42
CA LYS C 52 14.34 -14.48 16.52
C LYS C 52 13.58 -14.64 15.23
N GLY C 53 13.67 -15.84 14.65
CA GLY C 53 13.10 -16.11 13.33
C GLY C 53 12.23 -17.35 13.29
N ILE C 54 11.09 -17.22 12.62
CA ILE C 54 10.19 -18.35 12.48
C ILE C 54 10.10 -18.71 11.02
N LEU C 55 9.73 -19.96 10.76
CA LEU C 55 9.80 -20.52 9.44
C LEU C 55 8.47 -21.14 9.06
N LEU C 56 8.04 -20.86 7.83
CA LEU C 56 6.71 -21.24 7.37
C LEU C 56 6.77 -22.18 6.19
N TYR C 57 6.24 -23.39 6.33
CA TYR C 57 6.27 -24.31 5.18
C TYR C 57 4.92 -24.83 4.69
N GLY C 58 4.85 -24.98 3.36
CA GLY C 58 3.66 -25.46 2.68
C GLY C 58 3.76 -25.03 1.23
N PRO C 59 2.92 -25.62 0.37
CA PRO C 59 2.75 -25.16 -1.00
C PRO C 59 2.34 -23.68 -1.04
N PRO C 60 2.47 -23.03 -2.21
CA PRO C 60 2.22 -21.60 -2.28
C PRO C 60 0.74 -21.24 -2.27
N GLY C 61 0.45 -20.00 -1.92
CA GLY C 61 -0.90 -19.50 -2.00
C GLY C 61 -1.82 -20.11 -0.97
N THR C 62 -1.33 -20.23 0.27
CA THR C 62 -2.18 -20.65 1.38
C THR C 62 -2.36 -19.52 2.38
N GLY C 63 -1.42 -18.57 2.39
CA GLY C 63 -1.46 -17.46 3.33
C GLY C 63 -0.23 -17.28 4.22
N LYS C 64 0.91 -17.80 3.80
CA LYS C 64 2.18 -17.52 4.48
C LYS C 64 2.39 -16.00 4.55
N THR C 65 2.22 -15.34 3.41
CA THR C 65 2.38 -13.92 3.36
C THR C 65 1.22 -13.27 4.12
N LEU C 66 0.00 -13.75 3.89
CA LEU C 66 -1.18 -13.18 4.55
C LEU C 66 -1.05 -13.14 6.06
N LEU C 67 -0.50 -14.21 6.64
CA LEU C 67 -0.24 -14.23 8.06
C LEU C 67 0.78 -13.17 8.43
N ALA C 68 1.96 -13.25 7.82
CA ALA C 68 2.98 -12.24 8.02
C ALA C 68 2.43 -10.79 7.99
N LYS C 69 1.53 -10.54 7.06
CA LYS C 69 0.93 -9.22 6.94
C LYS C 69 -0.09 -8.98 8.05
N ALA C 70 -0.82 -10.01 8.43
CA ALA C 70 -1.83 -9.86 9.47
C ALA C 70 -1.20 -9.46 10.80
N VAL C 71 -0.05 -10.07 11.07
CA VAL C 71 0.71 -9.80 12.28
C VAL C 71 1.28 -8.39 12.27
N ALA C 72 1.96 -8.03 11.18
CA ALA C 72 2.51 -6.68 11.03
C ALA C 72 1.40 -5.64 11.18
N THR C 73 0.19 -6.04 10.81
CA THR C 73 -0.97 -5.17 10.90
C THR C 73 -1.43 -4.96 12.35
N GLU C 74 -1.60 -6.06 13.09
CA GLU C 74 -2.03 -6.01 14.50
C GLU C 74 -1.00 -5.33 15.38
N THR C 75 0.24 -5.30 14.92
CA THR C 75 1.33 -4.79 15.74
C THR C 75 1.88 -3.50 15.19
N ASN C 76 1.20 -2.94 14.20
CA ASN C 76 1.63 -1.71 13.57
C ASN C 76 3.13 -1.66 13.29
N ALA C 77 3.66 -2.79 12.83
CA ALA C 77 5.04 -2.87 12.37
C ALA C 77 5.08 -2.73 10.84
N THR C 78 6.22 -2.28 10.33
CA THR C 78 6.43 -2.09 8.89
C THR C 78 6.71 -3.46 8.27
N PHE C 79 5.96 -3.80 7.23
CA PHE C 79 6.09 -5.10 6.60
C PHE C 79 7.11 -5.00 5.48
N ILE C 80 8.10 -5.89 5.47
CA ILE C 80 9.10 -5.89 4.40
C ILE C 80 9.14 -7.26 3.72
N ARG C 81 8.72 -7.29 2.45
CA ARG C 81 8.68 -8.55 1.71
C ARG C 81 9.91 -8.71 0.87
N VAL C 82 10.63 -9.80 1.14
CA VAL C 82 11.84 -10.13 0.39
C VAL C 82 11.58 -11.32 -0.55
N VAL C 83 11.86 -11.11 -1.83
CA VAL C 83 11.82 -12.19 -2.82
C VAL C 83 13.19 -12.86 -2.83
N GLY C 84 13.23 -14.11 -2.37
CA GLY C 84 14.48 -14.84 -2.19
C GLY C 84 15.26 -14.97 -3.47
N SER C 85 14.56 -15.33 -4.54
CA SER C 85 15.15 -15.57 -5.86
C SER C 85 15.66 -14.29 -6.54
N GLU C 86 15.21 -13.13 -6.06
CA GLU C 86 15.67 -11.86 -6.59
C GLU C 86 17.01 -11.43 -5.98
N LEU C 87 17.42 -12.10 -4.90
CA LEU C 87 18.66 -11.75 -4.20
C LEU C 87 19.89 -12.50 -4.68
N VAL C 88 19.69 -13.60 -5.38
CA VAL C 88 20.79 -14.32 -5.98
C VAL C 88 21.28 -13.58 -7.24
N LYS C 89 22.23 -12.67 -7.03
CA LYS C 89 22.95 -12.04 -8.13
C LYS C 89 24.39 -12.61 -8.19
N LYS C 90 24.71 -13.31 -9.27
CA LYS C 90 26.03 -13.95 -9.45
C LYS C 90 27.19 -12.96 -9.37
N PHE C 91 26.85 -11.67 -9.37
CA PHE C 91 27.80 -10.57 -9.12
C PHE C 91 28.72 -10.85 -7.93
N ILE C 92 29.97 -10.39 -8.01
CA ILE C 92 30.97 -10.64 -6.97
C ILE C 92 30.72 -9.78 -5.72
N GLY C 93 30.58 -10.45 -4.57
CA GLY C 93 30.37 -9.79 -3.28
C GLY C 93 29.11 -8.94 -3.16
N GLU C 94 28.29 -8.98 -4.21
CA GLU C 94 27.10 -8.13 -4.30
C GLU C 94 25.83 -8.88 -3.87
N GLY C 95 25.90 -10.21 -3.88
CA GLY C 95 24.78 -11.04 -3.43
C GLY C 95 24.44 -10.73 -1.98
N ALA C 96 25.46 -10.71 -1.14
CA ALA C 96 25.30 -10.44 0.29
C ALA C 96 25.11 -8.96 0.57
N SER C 97 25.64 -8.13 -0.33
CA SER C 97 25.73 -6.69 -0.15
C SER C 97 24.37 -6.03 0.10
N LEU C 98 23.32 -6.63 -0.45
CA LEU C 98 21.99 -6.05 -0.35
C LEU C 98 21.28 -6.45 0.94
N VAL C 99 21.67 -7.59 1.51
CA VAL C 99 21.09 -8.04 2.79
C VAL C 99 21.33 -7.02 3.91
N LYS C 100 22.54 -6.47 3.95
CA LYS C 100 22.87 -5.42 4.91
C LYS C 100 21.90 -4.24 4.79
N ASP C 101 21.52 -3.91 3.57
CA ASP C 101 20.56 -2.83 3.32
C ASP C 101 19.23 -3.15 3.98
N ILE C 102 18.73 -4.36 3.76
CA ILE C 102 17.46 -4.79 4.32
C ILE C 102 17.40 -4.55 5.83
N PHE C 103 18.38 -5.06 6.55
CA PHE C 103 18.38 -4.90 7.99
C PHE C 103 18.63 -3.47 8.38
N LYS C 104 19.53 -2.80 7.67
CA LYS C 104 19.73 -1.37 7.88
C LYS C 104 18.37 -0.73 7.89
N LEU C 105 17.56 -1.06 6.88
CA LEU C 105 16.23 -0.53 6.73
C LEU C 105 15.29 -1.01 7.81
N ALA C 106 15.21 -2.32 7.98
CA ALA C 106 14.38 -2.94 9.00
C ALA C 106 14.55 -2.25 10.35
N LYS C 107 15.80 -2.10 10.78
CA LYS C 107 16.14 -1.48 12.06
C LYS C 107 15.74 -0.02 12.10
N GLU C 108 15.80 0.63 10.95
CA GLU C 108 15.41 2.03 10.86
C GLU C 108 13.89 2.19 10.98
N LYS C 109 13.14 1.35 10.29
CA LYS C 109 11.69 1.43 10.42
C LYS C 109 11.13 0.46 11.47
N ALA C 110 11.80 0.40 12.61
CA ALA C 110 11.34 -0.40 13.73
C ALA C 110 10.08 0.20 14.33
N PRO C 111 9.15 -0.65 14.77
CA PRO C 111 9.19 -2.08 14.68
C PRO C 111 8.84 -2.51 13.26
N SER C 112 9.33 -3.67 12.86
CA SER C 112 9.07 -4.17 11.53
C SER C 112 9.13 -5.71 11.47
N ILE C 113 8.43 -6.28 10.50
CA ILE C 113 8.51 -7.71 10.20
C ILE C 113 9.35 -7.83 8.93
N ILE C 114 10.34 -8.71 8.94
CA ILE C 114 11.02 -9.06 7.70
C ILE C 114 10.46 -10.40 7.23
N PHE C 115 9.65 -10.37 6.17
CA PHE C 115 9.10 -11.59 5.61
C PHE C 115 9.98 -11.97 4.44
N ILE C 116 10.48 -13.19 4.43
CA ILE C 116 11.20 -13.63 3.24
C ILE C 116 10.47 -14.75 2.52
N ASP C 117 9.99 -14.43 1.32
CA ASP C 117 9.30 -15.40 0.48
C ASP C 117 10.31 -16.22 -0.31
N GLU C 118 10.11 -17.54 -0.34
CA GLU C 118 11.05 -18.51 -0.91
C GLU C 118 12.50 -18.34 -0.42
N ILE C 119 12.75 -18.68 0.85
CA ILE C 119 14.11 -18.65 1.39
C ILE C 119 14.97 -19.79 0.84
N ASP C 120 14.33 -20.90 0.48
CA ASP C 120 15.02 -22.03 -0.14
C ASP C 120 15.77 -21.64 -1.42
N ALA C 121 15.76 -20.36 -1.73
CA ALA C 121 16.59 -19.82 -2.78
C ALA C 121 18.00 -19.52 -2.29
N ILE C 122 18.22 -19.62 -0.98
CA ILE C 122 19.51 -19.26 -0.37
C ILE C 122 19.93 -20.24 0.72
N ALA C 123 18.94 -20.81 1.41
CA ALA C 123 19.20 -21.66 2.56
C ALA C 123 19.46 -23.12 2.18
N ALA C 124 19.51 -23.38 0.87
CA ALA C 124 19.70 -24.75 0.36
C ALA C 124 21.08 -25.33 0.69
N LYS C 125 21.15 -26.65 0.83
CA LYS C 125 22.43 -27.35 0.84
C LYS C 125 22.62 -27.85 -0.58
N ARG C 126 23.83 -27.70 -1.11
CA ARG C 126 24.13 -28.17 -2.47
C ARG C 126 24.26 -29.69 -2.58
N THR C 127 24.84 -30.15 -3.68
CA THR C 127 25.11 -31.57 -3.86
C THR C 127 26.14 -31.98 -2.81
N ASP C 128 27.32 -31.37 -2.86
CA ASP C 128 28.37 -31.63 -1.88
C ASP C 128 29.34 -30.47 -1.85
N ALA C 129 30.63 -30.77 -1.84
CA ALA C 129 31.66 -29.75 -2.00
C ALA C 129 32.03 -29.61 -3.47
N LEU C 130 31.04 -29.30 -4.31
CA LEU C 130 31.24 -29.02 -5.73
C LEU C 130 30.38 -27.82 -6.15
N THR C 131 30.41 -26.76 -5.34
CA THR C 131 29.58 -25.56 -5.56
C THR C 131 30.17 -24.60 -6.61
N GLY C 132 29.97 -24.92 -7.89
CA GLY C 132 30.61 -24.19 -8.99
C GLY C 132 30.10 -22.78 -9.22
N GLY C 133 30.95 -21.79 -8.94
CA GLY C 133 30.60 -20.40 -9.16
C GLY C 133 29.76 -19.82 -8.05
N ASP C 134 28.62 -20.46 -7.79
CA ASP C 134 27.59 -19.95 -6.87
C ASP C 134 27.96 -20.11 -5.39
N ARG C 135 29.26 -20.17 -5.11
CA ARG C 135 29.78 -20.02 -3.76
C ARG C 135 29.34 -18.65 -3.27
N GLU C 136 29.04 -17.78 -4.24
CA GLU C 136 28.53 -16.44 -4.01
C GLU C 136 27.18 -16.46 -3.28
N VAL C 137 26.33 -17.42 -3.64
CA VAL C 137 24.99 -17.58 -3.03
C VAL C 137 25.07 -17.95 -1.56
N GLN C 138 26.12 -18.68 -1.20
CA GLN C 138 26.30 -19.11 0.17
C GLN C 138 26.96 -18.04 1.04
N ARG C 139 27.73 -17.15 0.39
CA ARG C 139 28.26 -15.94 1.04
C ARG C 139 27.12 -15.01 1.44
N THR C 140 26.11 -14.95 0.57
CA THR C 140 24.90 -14.20 0.84
C THR C 140 24.25 -14.69 2.12
N LEU C 141 24.12 -16.01 2.23
CA LEU C 141 23.52 -16.64 3.40
C LEU C 141 24.25 -16.26 4.69
N MET C 142 25.58 -16.23 4.62
CA MET C 142 26.41 -15.87 5.77
C MET C 142 26.04 -14.50 6.31
N GLN C 143 25.89 -13.54 5.39
CA GLN C 143 25.48 -12.19 5.77
C GLN C 143 24.11 -12.18 6.42
N LEU C 144 23.29 -13.18 6.10
CA LEU C 144 21.98 -13.29 6.75
C LEU C 144 22.12 -13.83 8.16
N LEU C 145 22.74 -15.00 8.30
CA LEU C 145 22.91 -15.62 9.62
C LEU C 145 23.56 -14.66 10.63
N ALA C 146 24.69 -14.05 10.22
CA ALA C 146 25.41 -13.07 11.05
C ALA C 146 24.58 -11.83 11.42
N GLU C 147 23.88 -11.27 10.44
CA GLU C 147 22.95 -10.16 10.68
C GLU C 147 21.88 -10.60 11.64
N MET C 148 21.46 -11.86 11.53
CA MET C 148 20.42 -12.40 12.39
C MET C 148 20.94 -12.63 13.81
N ASP C 149 22.21 -12.34 14.03
CA ASP C 149 22.82 -12.51 15.33
C ASP C 149 23.42 -11.21 15.88
N GLY C 150 23.22 -10.09 15.18
CA GLY C 150 23.85 -8.81 15.56
C GLY C 150 23.11 -7.90 16.56
N PHE C 151 22.56 -6.79 16.05
CA PHE C 151 21.82 -5.78 16.85
C PHE C 151 20.65 -6.38 17.64
N ASP C 152 20.03 -7.39 17.05
CA ASP C 152 18.87 -8.09 17.61
C ASP C 152 19.14 -8.76 18.96
N ALA C 153 18.07 -8.93 19.73
CA ALA C 153 18.12 -9.74 20.95
C ALA C 153 16.71 -10.30 21.17
N ARG C 154 16.02 -9.72 22.15
CA ARG C 154 14.61 -10.02 22.39
C ARG C 154 13.79 -9.27 21.33
N GLY C 155 12.84 -8.46 21.76
CA GLY C 155 11.89 -7.87 20.83
C GLY C 155 12.37 -6.60 20.13
N ASP C 156 12.02 -6.48 18.84
CA ASP C 156 12.03 -5.20 18.08
C ASP C 156 11.77 -5.39 16.57
N VAL C 157 12.49 -6.33 15.96
CA VAL C 157 12.37 -6.63 14.53
C VAL C 157 12.29 -8.14 14.31
N LYS C 158 11.07 -8.68 14.18
CA LYS C 158 10.90 -10.12 14.07
C LYS C 158 11.12 -10.58 12.62
N ILE C 159 11.65 -11.80 12.42
CA ILE C 159 11.91 -12.33 11.05
C ILE C 159 11.17 -13.60 10.69
N ILE C 160 10.37 -13.54 9.62
CA ILE C 160 9.74 -14.74 9.11
C ILE C 160 10.32 -15.24 7.79
N GLY C 161 10.51 -16.55 7.68
CA GLY C 161 10.89 -17.18 6.42
C GLY C 161 9.81 -18.10 5.85
N ALA C 162 9.65 -18.07 4.54
CA ALA C 162 8.71 -18.95 3.88
C ALA C 162 9.41 -19.83 2.81
N THR C 163 8.95 -21.07 2.68
CA THR C 163 9.48 -22.00 1.68
C THR C 163 8.44 -23.03 1.24
N ASN C 164 8.42 -23.30 -0.06
CA ASN C 164 7.48 -24.26 -0.64
C ASN C 164 8.03 -25.66 -0.54
N ARG C 165 9.34 -25.77 -0.76
CA ARG C 165 10.07 -27.03 -0.88
C ARG C 165 11.10 -27.07 0.28
N PRO C 166 10.66 -27.54 1.46
CA PRO C 166 11.29 -27.29 2.75
C PRO C 166 12.35 -28.30 3.24
N ASP C 167 12.53 -29.42 2.53
CA ASP C 167 13.58 -30.34 2.92
C ASP C 167 14.79 -30.22 2.02
N ILE C 168 14.88 -29.10 1.34
CA ILE C 168 16.10 -28.66 0.68
C ILE C 168 16.95 -27.85 1.68
N LEU C 169 16.40 -27.65 2.87
CA LEU C 169 16.95 -26.71 3.85
C LEU C 169 18.18 -27.19 4.63
N ASP C 170 19.24 -26.38 4.61
CA ASP C 170 20.42 -26.55 5.44
C ASP C 170 20.03 -26.38 6.92
N PRO C 171 20.31 -27.41 7.74
CA PRO C 171 20.06 -27.44 9.19
C PRO C 171 20.63 -26.25 9.96
N ALA C 172 21.76 -25.71 9.49
CA ALA C 172 22.48 -24.62 10.20
C ALA C 172 21.58 -23.41 10.46
N ILE C 173 20.52 -23.29 9.67
CA ILE C 173 19.59 -22.21 9.82
C ILE C 173 18.56 -22.53 10.91
N LEU C 174 18.15 -23.80 10.97
CA LEU C 174 17.23 -24.26 11.99
C LEU C 174 17.97 -24.24 13.33
N ARG C 175 19.29 -24.42 13.24
CA ARG C 175 20.17 -24.40 14.39
C ARG C 175 19.73 -23.29 15.37
N PRO C 176 19.38 -23.69 16.60
CA PRO C 176 18.81 -22.87 17.67
C PRO C 176 19.45 -21.49 17.82
N GLY C 177 18.61 -20.49 18.08
CA GLY C 177 19.07 -19.12 18.14
C GLY C 177 18.57 -18.35 16.93
N ARG C 178 18.43 -19.04 15.80
CA ARG C 178 17.94 -18.40 14.58
C ARG C 178 16.50 -18.78 14.23
N PHE C 179 16.34 -19.71 13.30
CA PHE C 179 15.01 -20.19 12.93
C PHE C 179 14.57 -21.35 13.79
N ASP C 180 14.15 -21.07 15.00
CA ASP C 180 13.86 -22.12 15.95
C ASP C 180 12.42 -22.63 15.92
N ARG C 181 11.47 -21.77 15.53
CA ARG C 181 10.13 -22.24 15.25
C ARG C 181 9.98 -22.64 13.79
N ILE C 182 9.29 -23.75 13.54
CA ILE C 182 8.99 -24.21 12.19
C ILE C 182 7.51 -24.57 12.11
N ILE C 183 6.73 -23.67 11.51
CA ILE C 183 5.28 -23.84 11.41
C ILE C 183 4.86 -24.39 10.05
N GLU C 184 4.02 -25.43 10.07
CA GLU C 184 3.42 -25.93 8.84
C GLU C 184 2.17 -25.12 8.49
N VAL C 185 2.03 -24.81 7.20
CA VAL C 185 0.88 -24.09 6.70
C VAL C 185 0.44 -24.84 5.46
N PRO C 186 -0.36 -25.90 5.66
CA PRO C 186 -0.73 -26.75 4.53
C PRO C 186 -2.07 -26.37 3.93
N ALA C 187 -2.44 -27.04 2.86
CA ALA C 187 -3.72 -26.83 2.21
C ALA C 187 -4.86 -27.10 3.20
N PRO C 188 -5.90 -26.28 3.16
CA PRO C 188 -6.98 -26.44 4.13
C PRO C 188 -7.72 -27.75 3.92
N ASP C 189 -8.18 -28.38 4.99
CA ASP C 189 -9.03 -29.57 4.85
C ASP C 189 -10.38 -29.16 4.27
N GLU C 190 -11.38 -30.02 4.42
CA GLU C 190 -12.71 -29.68 3.95
C GLU C 190 -13.23 -28.44 4.70
N LYS C 191 -13.21 -28.51 6.02
CA LYS C 191 -13.73 -27.44 6.86
C LYS C 191 -12.97 -26.12 6.68
N GLY C 192 -11.66 -26.24 6.44
CA GLY C 192 -10.83 -25.10 6.11
C GLY C 192 -11.24 -24.39 4.83
N ARG C 193 -11.45 -25.16 3.76
CA ARG C 193 -11.82 -24.58 2.46
C ARG C 193 -13.08 -23.72 2.56
N LEU C 194 -14.03 -24.17 3.37
CA LEU C 194 -15.33 -23.52 3.52
C LEU C 194 -15.31 -22.14 4.22
N GLU C 195 -14.43 -21.96 5.20
CA GLU C 195 -14.24 -20.64 5.79
C GLU C 195 -13.67 -19.72 4.72
N ILE C 196 -12.63 -20.19 4.06
CA ILE C 196 -11.93 -19.42 3.04
C ILE C 196 -12.90 -18.97 1.95
N LEU C 197 -13.76 -19.90 1.52
CA LEU C 197 -14.81 -19.65 0.53
C LEU C 197 -15.92 -18.75 1.06
N LYS C 198 -16.03 -18.66 2.38
CA LYS C 198 -17.00 -17.75 2.99
C LYS C 198 -16.39 -16.36 3.12
N ILE C 199 -15.10 -16.32 3.44
CA ILE C 199 -14.42 -15.05 3.63
C ILE C 199 -14.39 -14.24 2.34
N HIS C 200 -14.06 -14.87 1.22
CA HIS C 200 -13.93 -14.14 -0.03
C HIS C 200 -15.25 -13.77 -0.71
N THR C 201 -16.35 -14.33 -0.23
CA THR C 201 -17.68 -14.04 -0.77
C THR C 201 -18.37 -12.98 0.07
N ARG C 202 -17.82 -12.77 1.26
CA ARG C 202 -18.20 -11.71 2.21
C ARG C 202 -18.84 -10.47 1.58
N LYS C 203 -18.33 -10.02 0.43
CA LYS C 203 -18.84 -8.82 -0.19
C LYS C 203 -19.34 -9.02 -1.62
N MET C 204 -19.77 -10.23 -1.96
CA MET C 204 -20.33 -10.45 -3.29
C MET C 204 -21.75 -11.05 -3.28
N ASN C 205 -22.63 -10.47 -4.09
CA ASN C 205 -24.05 -10.83 -4.17
C ASN C 205 -24.32 -12.26 -4.68
N LEU C 206 -25.06 -13.05 -3.89
CA LEU C 206 -25.39 -14.43 -4.27
C LEU C 206 -26.90 -14.71 -4.19
N ALA C 207 -27.39 -15.54 -5.10
CA ALA C 207 -28.79 -15.94 -5.09
C ALA C 207 -29.07 -16.94 -3.95
N GLU C 208 -30.33 -17.31 -3.79
CA GLU C 208 -30.73 -18.23 -2.74
C GLU C 208 -30.27 -19.65 -3.07
N ASP C 209 -30.26 -19.96 -4.36
CA ASP C 209 -29.83 -21.27 -4.83
C ASP C 209 -28.31 -21.37 -4.87
N VAL C 210 -27.64 -20.93 -3.81
CA VAL C 210 -26.20 -21.03 -3.74
C VAL C 210 -25.77 -21.64 -2.41
N ASN C 211 -25.03 -22.75 -2.49
CA ASN C 211 -24.59 -23.49 -1.31
C ASN C 211 -23.10 -23.83 -1.38
N LEU C 212 -22.37 -23.49 -0.32
CA LEU C 212 -20.90 -23.52 -0.35
C LEU C 212 -20.23 -24.78 0.18
N GLU C 213 -20.95 -25.56 0.99
CA GLU C 213 -20.41 -26.83 1.48
C GLU C 213 -20.06 -27.75 0.31
N GLU C 214 -20.93 -27.74 -0.70
CA GLU C 214 -20.73 -28.52 -1.91
C GLU C 214 -19.37 -28.20 -2.50
N ILE C 215 -19.13 -26.92 -2.68
CA ILE C 215 -17.96 -26.44 -3.40
C ILE C 215 -16.67 -26.67 -2.61
N ALA C 216 -16.80 -26.90 -1.31
CA ALA C 216 -15.67 -27.35 -0.51
C ALA C 216 -15.26 -28.80 -0.80
N LYS C 217 -16.20 -29.75 -0.68
CA LYS C 217 -15.91 -31.14 -1.02
C LYS C 217 -15.99 -31.35 -2.53
N MET C 218 -15.42 -30.41 -3.27
CA MET C 218 -15.50 -30.37 -4.71
C MET C 218 -14.31 -29.56 -5.18
N THR C 219 -13.40 -29.31 -4.25
CA THR C 219 -12.17 -28.58 -4.50
C THR C 219 -11.01 -29.27 -3.79
N GLU C 220 -10.92 -30.58 -3.98
CA GLU C 220 -9.87 -31.40 -3.39
C GLU C 220 -8.47 -30.81 -3.61
N GLY C 221 -7.72 -30.64 -2.53
CA GLY C 221 -6.33 -30.21 -2.60
C GLY C 221 -6.10 -28.75 -2.97
N CYS C 222 -7.17 -27.99 -3.20
CA CYS C 222 -7.03 -26.60 -3.65
C CYS C 222 -6.62 -25.63 -2.57
N VAL C 223 -5.66 -24.78 -2.92
CA VAL C 223 -5.11 -23.83 -1.96
C VAL C 223 -5.99 -22.57 -1.90
N GLY C 224 -5.78 -21.74 -0.88
CA GLY C 224 -6.51 -20.47 -0.74
C GLY C 224 -6.44 -19.59 -1.98
N ALA C 225 -5.23 -19.44 -2.52
CA ALA C 225 -5.01 -18.66 -3.74
C ALA C 225 -5.91 -19.12 -4.88
N GLU C 226 -5.99 -20.42 -5.06
CA GLU C 226 -6.78 -21.00 -6.13
C GLU C 226 -8.29 -20.84 -5.90
N LEU C 227 -8.72 -20.97 -4.65
CA LEU C 227 -10.12 -20.73 -4.34
C LEU C 227 -10.46 -19.25 -4.56
N LYS C 228 -9.50 -18.37 -4.28
CA LYS C 228 -9.65 -16.93 -4.54
C LYS C 228 -10.11 -16.71 -5.98
N ALA C 229 -9.36 -17.28 -6.92
CA ALA C 229 -9.65 -17.15 -8.33
C ALA C 229 -11.03 -17.70 -8.69
N ILE C 230 -11.45 -18.76 -8.01
CA ILE C 230 -12.72 -19.42 -8.28
C ILE C 230 -13.92 -18.50 -8.04
N CYS C 231 -13.87 -17.71 -6.98
CA CYS C 231 -14.96 -16.79 -6.66
C CYS C 231 -14.96 -15.61 -7.60
N THR C 232 -13.78 -15.18 -7.99
CA THR C 232 -13.66 -14.09 -8.93
C THR C 232 -14.07 -14.57 -10.34
N GLU C 233 -13.78 -15.82 -10.64
CA GLU C 233 -14.15 -16.43 -11.92
C GLU C 233 -15.66 -16.66 -12.00
N ALA C 234 -16.22 -17.23 -10.94
CA ALA C 234 -17.67 -17.37 -10.83
C ALA C 234 -18.36 -16.02 -10.90
N GLY C 235 -17.78 -15.02 -10.24
CA GLY C 235 -18.32 -13.66 -10.29
C GLY C 235 -18.37 -13.23 -11.75
N MET C 236 -17.32 -13.55 -12.48
CA MET C 236 -17.20 -13.18 -13.88
C MET C 236 -18.16 -13.94 -14.78
N ASN C 237 -18.47 -15.18 -14.39
CA ASN C 237 -19.51 -15.97 -15.07
C ASN C 237 -20.85 -15.23 -15.07
N ALA C 238 -21.18 -14.62 -13.93
CA ALA C 238 -22.45 -13.90 -13.76
C ALA C 238 -22.51 -12.65 -14.61
N ILE C 239 -21.33 -12.07 -14.83
CA ILE C 239 -21.20 -10.79 -15.52
C ILE C 239 -21.32 -10.93 -17.04
N ARG C 240 -20.73 -11.97 -17.61
CA ARG C 240 -20.85 -12.25 -19.03
C ARG C 240 -22.32 -12.34 -19.47
N GLU C 241 -23.15 -12.91 -18.60
CA GLU C 241 -24.58 -13.02 -18.89
C GLU C 241 -25.37 -11.87 -18.29
N LEU C 242 -24.67 -10.81 -17.89
CA LEU C 242 -25.27 -9.57 -17.41
C LEU C 242 -26.27 -9.81 -16.30
N ARG C 243 -25.80 -10.33 -15.17
CA ARG C 243 -26.67 -10.56 -14.02
C ARG C 243 -26.13 -10.00 -12.71
N ASP C 244 -27.07 -9.55 -11.89
CA ASP C 244 -26.83 -8.97 -10.58
C ASP C 244 -26.37 -10.01 -9.56
N TYR C 245 -26.29 -11.28 -9.98
CA TYR C 245 -26.21 -12.40 -9.03
C TYR C 245 -25.44 -13.63 -9.54
N VAL C 246 -24.87 -14.41 -8.62
CA VAL C 246 -24.09 -15.60 -8.95
C VAL C 246 -24.81 -16.89 -8.59
N THR C 247 -24.86 -17.82 -9.54
CA THR C 247 -25.52 -19.11 -9.36
C THR C 247 -24.49 -20.17 -9.03
N MET C 248 -24.95 -21.29 -8.48
CA MET C 248 -24.08 -22.46 -8.29
C MET C 248 -23.39 -22.83 -9.61
N ASP C 249 -24.15 -22.78 -10.70
CA ASP C 249 -23.60 -22.99 -12.04
C ASP C 249 -22.31 -22.18 -12.23
N ASP C 250 -22.37 -20.89 -11.90
CA ASP C 250 -21.21 -20.01 -12.08
C ASP C 250 -19.98 -20.56 -11.38
N PHE C 251 -20.17 -21.02 -10.16
CA PHE C 251 -19.10 -21.64 -9.40
C PHE C 251 -18.68 -22.97 -9.98
N ARG C 252 -19.62 -23.68 -10.58
CA ARG C 252 -19.34 -25.00 -11.11
C ARG C 252 -18.39 -24.91 -12.30
N LYS C 253 -18.59 -23.91 -13.16
CA LYS C 253 -17.65 -23.64 -14.24
C LYS C 253 -16.41 -22.95 -13.73
N ALA C 254 -16.52 -22.29 -12.59
CA ALA C 254 -15.37 -21.71 -11.93
C ALA C 254 -14.49 -22.80 -11.30
N VAL C 255 -15.11 -23.74 -10.60
CA VAL C 255 -14.36 -24.89 -10.07
C VAL C 255 -13.82 -25.73 -11.22
N GLU C 256 -14.63 -25.92 -12.24
CA GLU C 256 -14.22 -26.61 -13.46
C GLU C 256 -12.90 -26.05 -13.96
N LYS C 257 -12.93 -24.77 -14.33
CA LYS C 257 -11.85 -24.10 -15.04
C LYS C 257 -10.53 -24.19 -14.29
N ILE C 258 -10.57 -23.84 -13.02
CA ILE C 258 -9.37 -23.81 -12.19
C ILE C 258 -8.87 -25.21 -11.84
N MET C 259 -9.78 -26.16 -11.63
CA MET C 259 -9.40 -27.55 -11.39
C MET C 259 -8.90 -28.26 -12.63
N GLU C 260 -9.24 -27.71 -13.80
CA GLU C 260 -8.69 -28.21 -15.04
C GLU C 260 -7.43 -27.42 -15.46
N LYS C 261 -7.18 -26.29 -14.78
CA LYS C 261 -5.92 -25.55 -14.96
C LYS C 261 -4.83 -26.13 -14.08
N LYS C 262 -5.21 -26.58 -12.89
CA LYS C 262 -4.27 -27.26 -12.02
C LYS C 262 -4.00 -28.70 -12.52
N LYS C 263 -4.97 -29.26 -13.23
CA LYS C 263 -4.84 -30.61 -13.78
C LYS C 263 -3.82 -30.73 -14.94
N VAL C 264 -2.97 -29.71 -15.12
CA VAL C 264 -1.91 -29.75 -16.17
C VAL C 264 -0.88 -30.86 -15.88
N LYS C 265 -0.94 -31.92 -16.69
CA LYS C 265 -0.14 -33.13 -16.48
C LYS C 265 0.58 -33.55 -17.75
PB ADP D . 1.43 -2.00 -31.62
O1B ADP D . 0.57 -1.02 -30.85
O2B ADP D . 1.09 -3.43 -31.27
O3B ADP D . 2.93 -1.75 -31.67
PA ADP D . -0.37 -1.13 -33.56
O1A ADP D . -1.50 -1.66 -32.72
O2A ADP D . -0.19 0.35 -33.75
O3A ADP D . 1.04 -1.76 -33.16
O5' ADP D . -0.48 -1.73 -35.04
C5' ADP D . 0.14 -1.09 -36.16
C4' ADP D . -0.74 -1.23 -37.42
O4' ADP D . -0.43 -2.45 -38.07
C3' ADP D . -2.24 -1.30 -37.12
O3' ADP D . -2.89 -0.07 -37.37
C2' ADP D . -2.78 -2.31 -38.09
O2' ADP D . -3.09 -1.65 -39.32
C1' ADP D . -1.60 -3.22 -38.34
N9 ADP D . -1.71 -4.38 -37.43
C8 ADP D . -0.77 -4.80 -36.55
N7 ADP D . -1.18 -5.89 -35.88
C5 ADP D . -2.41 -6.21 -36.32
C6 ADP D . -3.45 -7.25 -36.04
N6 ADP D . -3.25 -8.23 -35.12
N1 ADP D . -4.61 -7.20 -36.74
C2 ADP D . -4.85 -6.25 -37.66
N3 ADP D . -3.96 -5.29 -37.96
C4 ADP D . -2.76 -5.20 -37.34
PB ADP E . -5.77 17.62 27.55
O1B ADP E . -4.27 17.40 27.42
O2B ADP E . -6.46 17.95 26.26
O3B ADP E . -6.19 18.56 28.66
PA ADP E . -5.92 14.84 27.17
O1A ADP E . -5.50 15.25 25.77
O2A ADP E . -5.08 13.88 27.99
O3A ADP E . -6.30 16.18 28.00
O5' ADP E . -7.32 14.06 27.08
C5' ADP E . -7.96 13.56 28.24
C4' ADP E . -8.68 12.25 27.97
O4' ADP E . -10.05 12.48 27.63
C3' ADP E . -8.08 11.46 26.84
O3' ADP E . -7.29 10.42 27.37
C2' ADP E . -9.27 10.84 26.17
O2' ADP E . -9.52 9.64 26.86
C1' ADP E . -10.40 11.80 26.42
N9 ADP E . -10.42 12.80 25.32
C8 ADP E . -10.18 14.10 25.44
N7 ADP E . -10.25 14.73 24.23
C5 ADP E . -10.54 13.78 23.33
C6 ADP E . -10.76 13.74 21.88
N6 ADP E . -10.68 14.86 21.16
N1 ADP E . -11.05 12.57 21.28
C2 ADP E . -11.14 11.44 22.01
N3 ADP E . -10.95 11.41 23.34
C4 ADP E . -10.65 12.53 24.04
PB ADP F . 1.81 -17.63 0.04
O1B ADP F . 2.16 -16.56 1.05
O2B ADP F . 1.09 -18.83 0.62
O3B ADP F . 2.94 -17.97 -0.91
PA ADP F . -0.33 -15.83 -0.15
O1A ADP F . -1.16 -16.51 0.92
O2A ADP F . 0.54 -14.67 0.26
O3A ADP F . 0.62 -16.95 -0.82
O5' ADP F . -1.35 -15.37 -1.31
C5' ADP F . -2.61 -16.00 -1.35
C4' ADP F . -3.71 -15.09 -1.85
O4' ADP F . -4.87 -15.91 -1.99
C3' ADP F . -4.14 -13.97 -0.91
O3' ADP F . -3.92 -12.66 -1.48
C2' ADP F . -5.63 -14.20 -0.61
O2' ADP F . -6.49 -13.33 -1.39
C1' ADP F . -5.87 -15.64 -1.02
N9 ADP F . -5.64 -16.56 0.13
C8 ADP F . -4.60 -17.40 0.24
N7 ADP F . -4.67 -18.10 1.40
C5 ADP F . -5.77 -17.70 2.05
C6 ADP F . -6.42 -18.03 3.33
N6 ADP F . -5.89 -18.96 4.15
N1 ADP F . -7.56 -17.40 3.65
C2 ADP F . -8.10 -16.47 2.82
N3 ADP F . -7.56 -16.11 1.64
C4 ADP F . -6.42 -16.68 1.20
#